data_9KAU
#
_entry.id   9KAU
#
_cell.length_a   53.223
_cell.length_b   85.522
_cell.length_c   168.077
_cell.angle_alpha   90.00
_cell.angle_beta   91.12
_cell.angle_gamma   90.00
#
_symmetry.space_group_name_H-M   'P 1 21 1'
#
loop_
_entity.id
_entity.type
_entity.pdbx_description
1 polymer 'cysteine-S-conjugate beta-lyase'
2 non-polymer ALLIIN
3 water water
#
_entity_poly.entity_id   1
_entity_poly.type   'polypeptide(L)'
_entity_poly.pdbx_seq_one_letter_code
;MQLFHKAINRRGTHSIKWDTYKNEELIHAWIADMDFEVPKPIQTALKQRIKHPIFGYTLPPENIGDIICNWTKQQYDWDI
QKEWIVFSAGIVPALSTSIQAFTKENESVLVQPPIYPPFFEMVTTNNRQLCVSPLQKQNDTYVIDFKHLEKQFQQGIKLM
LLCSPHNPIGRVWTKEELIKLGSLCTKYNVIVVADEIHSDIIYADHTHTPFASLSEELAERTITCMAPS(LLP)TFNIAG
LQASIIIIPNEKLRHAFTAIQYRQGFHGLNIFAYTAMQSAYTECNDWLNKIRLYIEDNAKFACEYMKDHIPTLSVTKPEG
SFLLWIDCSALNLSQDERTKLLEEKGKIIVEPGEKYGLGGEEHIRINIGCPRSVLEEILNRLRHTFS
;
_entity_poly.pdbx_strand_id   A,B
#
# COMPACT_ATOMS: atom_id res chain seq x y z
N LYS A 6 20.18 -2.56 25.66
CA LYS A 6 21.27 -2.26 24.75
C LYS A 6 20.74 -1.43 23.60
N ALA A 7 21.24 -0.21 23.46
CA ALA A 7 20.94 0.62 22.30
C ALA A 7 21.53 -0.04 21.06
N ILE A 8 20.72 -0.10 20.00
CA ILE A 8 21.10 -0.72 18.74
C ILE A 8 21.23 0.38 17.70
N ASN A 9 22.34 0.36 16.97
CA ASN A 9 22.64 1.38 15.97
C ASN A 9 21.59 1.37 14.86
N ARG A 10 20.94 2.52 14.67
CA ARG A 10 19.97 2.69 13.60
C ARG A 10 20.41 3.72 12.55
N ARG A 11 21.59 4.30 12.68
CA ARG A 11 22.09 5.19 11.64
C ARG A 11 22.48 4.39 10.39
N GLY A 12 22.16 4.95 9.21
CA GLY A 12 22.46 4.26 7.96
C GLY A 12 21.50 3.15 7.59
N THR A 13 20.27 3.18 8.09
CA THR A 13 19.28 2.15 7.83
C THR A 13 18.09 2.68 7.05
N HIS A 14 18.15 3.90 6.54
CA HIS A 14 17.03 4.58 5.92
C HIS A 14 15.89 4.81 6.91
N SER A 15 16.21 4.82 8.20
CA SER A 15 15.27 5.28 9.20
C SER A 15 15.00 6.77 9.04
N ILE A 16 13.72 7.14 9.01
CA ILE A 16 13.34 8.55 9.06
C ILE A 16 13.83 9.19 10.36
N LYS A 17 13.84 8.42 11.45
CA LYS A 17 14.25 8.96 12.74
C LYS A 17 15.72 9.38 12.75
N TRP A 18 16.59 8.51 12.22
CA TRP A 18 18.03 8.63 12.40
C TRP A 18 18.79 9.13 11.17
N ASP A 19 18.20 9.10 9.99
CA ASP A 19 18.90 9.43 8.77
C ASP A 19 18.39 10.68 8.10
N THR A 20 17.32 11.28 8.61
CA THR A 20 16.83 12.53 8.03
C THR A 20 17.79 13.69 8.32
N TYR A 21 18.43 13.67 9.48
CA TYR A 21 19.44 14.67 9.84
C TYR A 21 20.83 14.08 9.61
N LYS A 22 21.74 14.93 9.12
CA LYS A 22 23.09 14.50 8.77
C LYS A 22 24.12 14.88 9.85
N ASN A 23 23.75 15.78 10.78
CA ASN A 23 24.61 16.12 11.95
C ASN A 23 24.64 14.87 12.83
N GLU A 24 25.78 14.21 12.88
CA GLU A 24 25.88 12.95 13.59
C GLU A 24 25.87 13.10 15.11
N GLU A 25 25.97 14.32 15.63
CA GLU A 25 25.90 14.57 17.07
C GLU A 25 24.48 14.56 17.61
N LEU A 26 23.48 14.49 16.74
CA LEU A 26 22.09 14.65 17.17
C LEU A 26 21.55 13.37 17.77
N ILE A 27 20.81 13.51 18.88
CA ILE A 27 19.96 12.47 19.46
C ILE A 27 18.53 12.72 19.01
N HIS A 28 17.87 11.67 18.54
CA HIS A 28 16.56 11.80 17.90
C HIS A 28 15.46 11.10 18.69
N ALA A 29 14.38 11.86 18.97
CA ALA A 29 13.24 11.34 19.70
C ALA A 29 11.91 11.90 19.20
N TRP A 30 11.80 12.18 17.89
CA TRP A 30 10.63 12.86 17.34
C TRP A 30 9.61 11.88 16.77
N ILE A 31 9.96 11.12 15.72
CA ILE A 31 8.99 10.23 15.07
C ILE A 31 8.62 9.08 16.00
N ALA A 32 7.41 8.55 15.84
CA ALA A 32 6.83 7.60 16.82
C ALA A 32 7.12 6.14 16.50
N ASP A 33 8.37 5.77 16.28
CA ASP A 33 8.80 4.39 16.18
C ASP A 33 9.84 4.11 17.25
N MET A 34 9.90 2.86 17.70
CA MET A 34 10.75 2.49 18.81
C MET A 34 12.16 2.07 18.37
N ASP A 35 13.11 2.23 19.27
CA ASP A 35 14.47 1.74 19.06
C ASP A 35 14.67 0.40 19.73
N PHE A 36 13.67 -0.48 19.67
CA PHE A 36 13.74 -1.76 20.35
C PHE A 36 13.75 -2.88 19.34
N GLU A 37 14.42 -3.97 19.71
CA GLU A 37 14.37 -5.17 18.88
C GLU A 37 12.93 -5.59 18.72
N VAL A 38 12.53 -5.85 17.49
CA VAL A 38 11.23 -6.46 17.24
C VAL A 38 11.24 -7.82 17.92
N PRO A 39 10.11 -8.31 18.42
CA PRO A 39 10.08 -9.69 18.94
C PRO A 39 10.73 -10.66 17.97
N LYS A 40 11.51 -11.58 18.53
CA LYS A 40 12.20 -12.57 17.71
C LYS A 40 11.27 -13.42 16.84
N PRO A 41 10.08 -13.86 17.29
CA PRO A 41 9.21 -14.63 16.40
C PRO A 41 8.76 -13.89 15.15
N ILE A 42 8.77 -12.56 15.16
CA ILE A 42 8.55 -11.84 13.90
C ILE A 42 9.76 -12.01 12.99
N GLN A 43 10.96 -11.90 13.55
CA GLN A 43 12.17 -12.12 12.76
C GLN A 43 12.21 -13.53 12.21
N THR A 44 11.69 -14.49 12.96
CA THR A 44 11.72 -15.87 12.48
C THR A 44 10.69 -16.10 11.40
N ALA A 45 9.52 -15.46 11.51
CA ALA A 45 8.50 -15.56 10.47
C ALA A 45 8.97 -14.92 9.17
N LEU A 46 9.70 -13.80 9.25
CA LEU A 46 10.22 -13.13 8.06
C LEU A 46 11.35 -13.91 7.43
N LYS A 47 12.24 -14.51 8.23
CA LYS A 47 13.32 -15.30 7.65
C LYS A 47 12.82 -16.64 7.13
N GLN A 48 11.78 -17.19 7.74
CA GLN A 48 11.16 -18.40 7.22
C GLN A 48 10.57 -18.16 5.83
N ARG A 49 10.00 -16.99 5.59
CA ARG A 49 9.32 -16.71 4.29
C ARG A 49 10.36 -16.59 3.19
N ILE A 50 11.49 -15.98 3.48
CA ILE A 50 12.48 -15.77 2.43
C ILE A 50 13.08 -17.10 1.99
N LYS A 51 12.98 -18.15 2.79
CA LYS A 51 13.41 -19.45 2.32
C LYS A 51 12.60 -19.91 1.11
N HIS A 52 11.44 -19.28 0.85
CA HIS A 52 10.67 -19.54 -0.36
C HIS A 52 10.91 -18.39 -1.35
N PRO A 53 11.83 -18.55 -2.35
CA PRO A 53 12.29 -17.45 -3.21
C PRO A 53 11.35 -17.05 -4.35
N ILE A 54 10.09 -16.82 -4.02
CA ILE A 54 9.06 -16.33 -4.99
C ILE A 54 8.17 -15.38 -4.17
N PHE A 55 7.89 -14.21 -4.69
CA PHE A 55 7.12 -13.19 -4.00
C PHE A 55 5.96 -12.76 -4.87
N GLY A 56 5.26 -13.72 -5.42
CA GLY A 56 4.15 -13.40 -6.29
C GLY A 56 2.97 -12.90 -5.50
N TYR A 57 1.82 -12.88 -6.12
CA TYR A 57 0.58 -12.42 -5.45
C TYR A 57 0.15 -13.45 -4.42
N THR A 58 -0.18 -12.95 -3.25
CA THR A 58 -0.49 -13.83 -2.14
C THR A 58 -1.85 -13.44 -1.56
N LEU A 59 -2.56 -14.48 -1.01
CA LEU A 59 -3.79 -14.38 -0.25
C LEU A 59 -3.48 -14.11 1.22
N PRO A 60 -4.40 -13.46 1.92
CA PRO A 60 -4.34 -13.45 3.37
C PRO A 60 -4.29 -14.87 3.90
N PRO A 61 -3.54 -15.11 4.98
CA PRO A 61 -3.42 -16.47 5.51
C PRO A 61 -4.77 -17.07 5.91
N GLU A 62 -4.84 -18.42 5.91
CA GLU A 62 -6.09 -19.10 6.22
C GLU A 62 -6.57 -18.82 7.65
N ASN A 63 -5.66 -18.82 8.63
CA ASN A 63 -6.02 -18.73 10.04
C ASN A 63 -6.13 -17.30 10.56
N ILE A 64 -5.68 -16.32 9.77
CA ILE A 64 -5.46 -14.96 10.26
C ILE A 64 -6.74 -14.37 10.84
N GLY A 65 -7.91 -14.84 10.39
CA GLY A 65 -9.16 -14.38 10.96
C GLY A 65 -9.40 -14.88 12.36
N ASP A 66 -9.01 -16.13 12.65
CA ASP A 66 -9.12 -16.65 13.99
C ASP A 66 -8.18 -15.94 14.94
N ILE A 67 -6.93 -15.78 14.50
CA ILE A 67 -5.93 -15.10 15.31
C ILE A 67 -6.39 -13.68 15.63
N ILE A 68 -6.98 -13.00 14.64
CA ILE A 68 -7.44 -11.64 14.87
C ILE A 68 -8.61 -11.63 15.84
N CYS A 69 -9.52 -12.60 15.66
CA CYS A 69 -10.65 -12.76 16.57
C CYS A 69 -10.21 -13.16 17.94
N ASN A 70 -9.18 -13.99 18.02
CA ASN A 70 -8.63 -14.41 19.31
C ASN A 70 -7.93 -13.24 20.00
N TRP A 71 -7.11 -12.48 19.26
CA TRP A 71 -6.37 -11.37 19.84
C TRP A 71 -7.32 -10.34 20.46
N THR A 72 -8.38 -9.97 19.74
CA THR A 72 -9.31 -8.96 20.26
C THR A 72 -10.13 -9.46 21.44
N LYS A 73 -10.29 -10.78 21.61
CA LYS A 73 -10.96 -11.29 22.79
C LYS A 73 -10.01 -11.49 23.97
N GLN A 74 -8.76 -11.88 23.70
CA GLN A 74 -7.81 -12.11 24.79
C GLN A 74 -7.35 -10.80 25.42
N GLN A 75 -7.31 -9.73 24.64
CA GLN A 75 -6.74 -8.46 25.15
C GLN A 75 -7.81 -7.50 25.63
N TYR A 76 -8.97 -7.53 25.01
CA TYR A 76 -10.03 -6.59 25.33
C TYR A 76 -11.33 -7.28 25.66
N ASP A 77 -11.39 -8.66 25.65
CA ASP A 77 -12.60 -9.52 25.79
C ASP A 77 -13.59 -8.94 24.78
N TRP A 78 -13.19 -8.73 23.54
CA TRP A 78 -14.01 -8.25 22.39
C TRP A 78 -14.29 -9.41 21.43
N ASP A 79 -15.52 -9.92 21.47
CA ASP A 79 -15.91 -11.02 20.59
C ASP A 79 -16.35 -10.40 19.27
N ILE A 80 -15.56 -10.63 18.23
CA ILE A 80 -15.84 -10.13 16.89
C ILE A 80 -16.00 -11.33 15.97
N GLN A 81 -16.53 -11.08 14.77
CA GLN A 81 -16.66 -12.14 13.78
C GLN A 81 -15.72 -11.92 12.60
N LYS A 82 -15.39 -13.04 11.92
CA LYS A 82 -14.42 -13.00 10.83
C LYS A 82 -14.86 -12.10 9.69
N GLU A 83 -16.16 -11.89 9.53
CA GLU A 83 -16.65 -11.07 8.43
C GLU A 83 -16.39 -9.59 8.63
N TRP A 84 -16.00 -9.19 9.85
CA TRP A 84 -15.79 -7.78 10.21
C TRP A 84 -14.40 -7.27 9.85
N ILE A 85 -13.43 -8.16 9.66
CA ILE A 85 -12.05 -7.75 9.46
C ILE A 85 -11.87 -7.26 8.03
N VAL A 86 -11.36 -6.04 7.91
CA VAL A 86 -10.91 -5.45 6.65
C VAL A 86 -9.44 -5.16 6.82
N PHE A 87 -8.67 -5.34 5.75
CA PHE A 87 -7.24 -5.05 5.77
C PHE A 87 -6.97 -3.67 5.18
N SER A 88 -5.92 -3.02 5.69
CA SER A 88 -5.48 -1.71 5.23
C SER A 88 -3.96 -1.66 5.34
N ALA A 89 -3.33 -0.88 4.46
CA ALA A 89 -1.88 -0.74 4.56
C ALA A 89 -1.45 0.25 5.65
N GLY A 90 -2.37 0.82 6.40
CA GLY A 90 -2.06 1.78 7.45
C GLY A 90 -3.33 2.52 7.83
N ILE A 91 -3.36 3.19 8.97
CA ILE A 91 -4.58 3.86 9.39
C ILE A 91 -4.82 5.19 8.65
N VAL A 92 -3.79 5.86 8.17
CA VAL A 92 -3.99 7.12 7.43
C VAL A 92 -4.73 6.86 6.11
N PRO A 93 -4.40 5.81 5.36
CA PRO A 93 -5.32 5.45 4.27
C PRO A 93 -6.72 5.11 4.77
N ALA A 94 -6.84 4.45 5.93
CA ALA A 94 -8.16 4.04 6.42
C ALA A 94 -8.97 5.22 6.96
N LEU A 95 -8.29 6.22 7.53
CA LEU A 95 -8.97 7.45 7.89
C LEU A 95 -9.45 8.15 6.64
N SER A 96 -8.61 8.17 5.59
CA SER A 96 -8.99 8.82 4.35
C SER A 96 -10.11 8.04 3.68
N THR A 97 -10.00 6.72 3.65
CA THR A 97 -11.10 5.90 3.14
C THR A 97 -12.39 6.17 3.89
N SER A 98 -12.30 6.32 5.23
CA SER A 98 -13.49 6.57 6.03
C SER A 98 -14.12 7.91 5.72
N ILE A 99 -13.31 8.95 5.60
CA ILE A 99 -13.86 10.25 5.22
C ILE A 99 -14.58 10.15 3.89
N GLN A 100 -14.02 9.40 2.93
CA GLN A 100 -14.65 9.33 1.61
C GLN A 100 -15.92 8.47 1.60
N ALA A 101 -15.99 7.40 2.39
CA ALA A 101 -17.20 6.57 2.36
C ALA A 101 -18.36 7.27 3.05
N PHE A 102 -18.10 7.91 4.19
CA PHE A 102 -19.17 8.27 5.11
C PHE A 102 -19.55 9.74 5.12
N THR A 103 -18.94 10.57 4.29
CA THR A 103 -19.35 11.95 4.12
C THR A 103 -19.43 12.25 2.64
N LYS A 104 -20.12 13.34 2.34
CA LYS A 104 -20.08 14.01 1.05
C LYS A 104 -19.14 15.22 1.15
N GLU A 105 -18.81 15.79 0.00
CA GLU A 105 -17.89 16.92 -0.03
C GLU A 105 -18.41 18.12 0.74
N ASN A 106 -17.50 18.80 1.45
CA ASN A 106 -17.78 19.98 2.26
C ASN A 106 -18.72 19.69 3.44
N GLU A 107 -18.94 18.43 3.79
CA GLU A 107 -19.60 18.10 5.06
C GLU A 107 -18.58 18.08 6.20
N SER A 108 -19.09 18.09 7.43
CA SER A 108 -18.26 18.32 8.61
C SER A 108 -17.77 16.99 9.17
N VAL A 109 -16.48 16.95 9.51
CA VAL A 109 -15.84 15.87 10.26
C VAL A 109 -15.11 16.52 11.44
N LEU A 110 -15.26 15.93 12.63
CA LEU A 110 -14.80 16.53 13.88
C LEU A 110 -13.61 15.77 14.48
N VAL A 111 -12.69 16.53 15.05
CA VAL A 111 -11.50 16.02 15.72
C VAL A 111 -11.29 16.78 17.03
N GLN A 112 -10.45 16.24 17.91
CA GLN A 112 -10.23 16.85 19.23
C GLN A 112 -8.74 17.13 19.44
N PRO A 113 -8.28 18.34 19.12
CA PRO A 113 -6.86 18.68 19.34
C PRO A 113 -6.56 18.87 20.82
N PRO A 114 -5.28 18.72 21.23
CA PRO A 114 -4.12 18.39 20.40
C PRO A 114 -4.12 16.94 19.95
N ILE A 115 -3.97 16.70 18.63
CA ILE A 115 -4.21 15.40 18.03
C ILE A 115 -3.33 15.21 16.80
N TYR A 116 -3.07 13.95 16.46
CA TYR A 116 -2.37 13.46 15.27
C TYR A 116 -2.68 14.30 14.05
N PRO A 117 -1.69 14.89 13.40
CA PRO A 117 -1.97 15.86 12.33
C PRO A 117 -2.71 15.26 11.14
N PRO A 118 -2.45 13.96 10.73
CA PRO A 118 -3.24 13.38 9.61
C PRO A 118 -4.75 13.46 9.79
N PHE A 119 -5.22 13.59 11.03
CA PHE A 119 -6.63 13.92 11.23
C PHE A 119 -6.95 15.29 10.66
N PHE A 120 -6.00 16.23 10.69
CA PHE A 120 -6.22 17.54 10.09
C PHE A 120 -6.11 17.46 8.56
N GLU A 121 -5.05 16.84 8.06
CA GLU A 121 -4.70 16.93 6.65
C GLU A 121 -5.68 16.16 5.75
N MET A 122 -6.14 14.99 6.19
CA MET A 122 -7.00 14.17 5.35
C MET A 122 -8.40 14.76 5.22
N VAL A 123 -8.88 15.41 6.27
CA VAL A 123 -10.21 16.02 6.22
C VAL A 123 -10.26 17.15 5.17
N THR A 124 -9.25 18.03 5.21
CA THR A 124 -9.24 19.24 4.40
C THR A 124 -8.79 18.96 2.95
N THR A 125 -7.84 18.06 2.75
CA THR A 125 -7.41 17.75 1.39
C THR A 125 -8.52 17.06 0.60
N ASN A 126 -9.46 16.40 1.29
CA ASN A 126 -10.60 15.75 0.66
C ASN A 126 -11.82 16.67 0.60
N ASN A 127 -11.61 17.96 0.79
CA ASN A 127 -12.66 18.97 0.63
C ASN A 127 -13.85 18.64 1.52
N ARG A 128 -13.56 18.26 2.74
CA ARG A 128 -14.57 18.28 3.78
C ARG A 128 -14.25 19.40 4.76
N GLN A 129 -15.28 19.81 5.52
CA GLN A 129 -15.15 20.86 6.56
C GLN A 129 -14.46 20.33 7.78
N LEU A 130 -13.40 21.01 8.18
CA LEU A 130 -12.74 20.71 9.43
C LEU A 130 -13.54 21.34 10.56
N CYS A 131 -14.07 20.50 11.44
CA CYS A 131 -14.61 20.98 12.70
C CYS A 131 -13.76 20.41 13.82
N VAL A 132 -13.64 21.17 14.90
CA VAL A 132 -12.85 20.79 16.07
C VAL A 132 -13.72 20.83 17.30
N SER A 133 -13.32 20.05 18.29
CA SER A 133 -13.76 20.22 19.69
C SER A 133 -12.53 20.02 20.57
N PRO A 134 -11.75 21.08 20.78
CA PRO A 134 -10.45 20.96 21.49
C PRO A 134 -10.56 20.36 22.90
N LEU A 135 -9.57 19.54 23.25
CA LEU A 135 -9.46 18.97 24.59
C LEU A 135 -9.10 20.04 25.63
N GLN A 136 -9.49 19.78 26.88
CA GLN A 136 -9.25 20.73 28.00
C GLN A 136 -8.26 20.17 28.99
N LYS A 137 -7.16 20.90 29.25
CA LYS A 137 -6.09 20.54 30.17
C LYS A 137 -6.50 20.83 31.61
N GLN A 138 -6.54 19.79 32.44
CA GLN A 138 -6.81 20.01 33.86
C GLN A 138 -5.92 19.11 34.69
N ASN A 139 -5.30 19.71 35.71
CA ASN A 139 -4.57 18.98 36.74
C ASN A 139 -3.56 18.01 36.12
N ASP A 140 -2.86 18.47 35.08
CA ASP A 140 -1.89 17.66 34.35
C ASP A 140 -2.48 16.37 33.77
N THR A 141 -3.71 16.45 33.29
CA THR A 141 -4.23 15.47 32.35
C THR A 141 -5.23 16.17 31.42
N TYR A 142 -5.84 15.44 30.50
CA TYR A 142 -6.79 16.01 29.56
C TYR A 142 -8.17 15.42 29.81
N VAL A 143 -9.19 16.26 29.66
CA VAL A 143 -10.57 15.79 29.70
C VAL A 143 -11.31 16.41 28.53
N ILE A 144 -12.34 15.72 28.08
CA ILE A 144 -13.14 16.18 26.95
C ILE A 144 -14.12 17.25 27.42
N ASP A 145 -14.28 18.28 26.59
CA ASP A 145 -15.28 19.32 26.82
C ASP A 145 -16.58 18.84 26.19
N PHE A 146 -17.30 18.03 26.96
CA PHE A 146 -18.54 17.41 26.50
C PHE A 146 -19.63 18.43 26.24
N LYS A 147 -19.60 19.55 26.98
CA LYS A 147 -20.51 20.65 26.68
C LYS A 147 -20.16 21.30 25.35
N HIS A 148 -18.86 21.50 25.09
CA HIS A 148 -18.41 21.99 23.80
C HIS A 148 -18.62 20.94 22.71
N LEU A 149 -18.37 19.67 23.04
CA LEU A 149 -18.57 18.60 22.06
C LEU A 149 -20.03 18.51 21.64
N GLU A 150 -20.94 18.59 22.59
CA GLU A 150 -22.35 18.51 22.24
C GLU A 150 -22.81 19.72 21.44
N LYS A 151 -22.18 20.88 21.61
CA LYS A 151 -22.53 22.06 20.81
C LYS A 151 -22.21 21.86 19.34
N GLN A 152 -21.07 21.22 19.03
CA GLN A 152 -20.68 21.06 17.65
C GLN A 152 -21.53 20.02 16.94
N PHE A 153 -21.96 18.98 17.67
CA PHE A 153 -22.84 17.96 17.09
C PHE A 153 -24.16 18.53 16.63
N GLN A 154 -24.63 19.61 17.27
CA GLN A 154 -25.89 20.23 16.89
C GLN A 154 -25.83 20.91 15.52
N GLN A 155 -24.65 21.06 14.92
CA GLN A 155 -24.50 21.72 13.62
C GLN A 155 -24.54 20.76 12.44
N GLY A 156 -24.75 19.48 12.70
CA GLY A 156 -24.92 18.47 11.68
C GLY A 156 -23.75 17.57 11.42
N ILE A 157 -22.85 17.40 12.41
CA ILE A 157 -21.63 16.62 12.21
C ILE A 157 -21.97 15.22 11.76
N LYS A 158 -21.39 14.81 10.64
CA LYS A 158 -21.60 13.50 10.07
C LYS A 158 -20.58 12.49 10.57
N LEU A 159 -19.35 12.92 10.83
CA LEU A 159 -18.26 12.03 11.19
C LEU A 159 -17.45 12.59 12.36
N MET A 160 -16.85 11.69 13.14
CA MET A 160 -15.87 12.08 14.15
C MET A 160 -14.68 11.12 14.08
N LEU A 161 -13.45 11.67 14.05
CA LEU A 161 -12.26 10.83 14.12
C LEU A 161 -11.74 10.89 15.55
N LEU A 162 -11.92 9.78 16.25
CA LEU A 162 -11.52 9.68 17.65
C LEU A 162 -10.18 8.97 17.79
N CYS A 163 -9.32 9.46 18.67
CA CYS A 163 -8.08 8.77 19.01
C CYS A 163 -8.22 8.16 20.41
N SER A 164 -8.04 6.86 20.47
CA SER A 164 -8.09 6.12 21.71
C SER A 164 -7.08 4.99 21.65
N PRO A 165 -5.96 5.09 22.39
CA PRO A 165 -5.52 6.20 23.25
C PRO A 165 -5.05 7.40 22.41
N HIS A 166 -4.90 8.57 23.02
CA HIS A 166 -4.79 9.83 22.31
C HIS A 166 -3.36 10.31 22.14
N ASN A 167 -2.86 10.21 20.94
CA ASN A 167 -1.60 10.80 20.53
C ASN A 167 -1.82 12.29 20.30
N PRO A 168 -1.02 13.18 20.91
CA PRO A 168 0.24 12.99 21.63
C PRO A 168 0.23 12.88 23.15
N ILE A 169 -0.91 13.15 23.79
CA ILE A 169 -0.95 13.28 25.24
C ILE A 169 -0.87 11.93 25.97
N GLY A 170 -1.36 10.85 25.35
CA GLY A 170 -1.35 9.52 25.95
C GLY A 170 -2.58 9.14 26.77
N ARG A 171 -3.70 9.81 26.57
CA ARG A 171 -4.88 9.50 27.37
C ARG A 171 -5.45 8.16 26.94
N VAL A 172 -5.74 7.31 27.92
CA VAL A 172 -6.47 6.07 27.74
C VAL A 172 -7.85 6.31 28.32
N TRP A 173 -8.85 6.49 27.46
CA TRP A 173 -10.17 6.88 27.93
C TRP A 173 -10.77 5.78 28.79
N THR A 174 -11.40 6.19 29.89
CA THR A 174 -12.10 5.25 30.74
C THR A 174 -13.37 4.77 30.05
N LYS A 175 -13.97 3.72 30.63
CA LYS A 175 -15.24 3.28 30.07
C LYS A 175 -16.33 4.32 30.26
N GLU A 176 -16.31 5.07 31.37
CA GLU A 176 -17.37 6.04 31.59
C GLU A 176 -17.34 7.11 30.51
N GLU A 177 -16.15 7.54 30.13
CA GLU A 177 -16.00 8.56 29.11
C GLU A 177 -16.52 8.05 27.76
N LEU A 178 -16.06 6.87 27.34
CA LEU A 178 -16.53 6.33 26.07
C LEU A 178 -18.01 6.04 26.13
N ILE A 179 -18.52 5.56 27.27
CA ILE A 179 -19.98 5.44 27.44
C ILE A 179 -20.64 6.79 27.25
N LYS A 180 -20.06 7.83 27.85
CA LYS A 180 -20.62 9.16 27.71
C LYS A 180 -20.43 9.70 26.30
N LEU A 181 -19.32 9.36 25.63
CA LEU A 181 -19.11 9.84 24.26
C LEU A 181 -20.02 9.13 23.25
N GLY A 182 -20.15 7.81 23.34
CA GLY A 182 -21.11 7.11 22.49
C GLY A 182 -22.53 7.63 22.66
N SER A 183 -22.90 8.03 23.87
CA SER A 183 -24.24 8.55 24.10
C SER A 183 -24.50 9.82 23.30
N LEU A 184 -23.46 10.60 23.04
CA LEU A 184 -23.63 11.80 22.24
C LEU A 184 -23.59 11.48 20.76
N CYS A 185 -22.82 10.46 20.40
CA CYS A 185 -22.81 10.02 19.00
C CYS A 185 -24.14 9.38 18.63
N THR A 186 -24.74 8.63 19.55
CA THR A 186 -26.08 8.04 19.38
C THR A 186 -27.13 9.15 19.29
N LYS A 187 -27.06 10.17 20.11
CA LYS A 187 -27.97 11.33 19.91
C LYS A 187 -27.52 11.98 18.61
N VAL A 190 -23.94 10.38 14.95
CA VAL A 190 -22.60 10.64 14.47
C VAL A 190 -21.92 9.31 14.22
N ILE A 191 -21.26 9.19 13.06
CA ILE A 191 -20.41 8.05 12.71
C ILE A 191 -19.05 8.24 13.36
N VAL A 192 -18.45 7.15 13.84
CA VAL A 192 -17.22 7.20 14.61
C VAL A 192 -16.14 6.36 13.94
N VAL A 193 -15.00 6.98 13.65
CA VAL A 193 -13.79 6.27 13.25
C VAL A 193 -12.89 6.24 14.46
N ALA A 194 -12.54 5.05 14.92
CA ALA A 194 -11.81 4.84 16.15
C ALA A 194 -10.37 4.47 15.81
N ASP A 195 -9.45 5.42 15.94
CA ASP A 195 -8.03 5.17 15.69
C ASP A 195 -7.39 4.62 16.96
N GLU A 196 -7.38 3.29 17.08
CA GLU A 196 -6.85 2.57 18.23
C GLU A 196 -5.54 1.90 17.89
N ILE A 197 -4.67 2.61 17.18
CA ILE A 197 -3.41 2.01 16.78
C ILE A 197 -2.51 1.80 18.00
N HIS A 198 -2.74 2.56 19.07
CA HIS A 198 -1.99 2.43 20.31
C HIS A 198 -2.71 1.55 21.35
N SER A 199 -3.68 0.74 20.93
CA SER A 199 -4.57 0.03 21.84
C SER A 199 -3.88 -1.01 22.72
N ASP A 200 -2.66 -1.44 22.39
CA ASP A 200 -2.01 -2.56 23.07
C ASP A 200 -0.86 -2.15 23.98
N ILE A 201 -0.47 -0.87 24.03
CA ILE A 201 0.53 -0.42 24.99
C ILE A 201 -0.16 0.43 26.07
N ILE A 202 -0.60 -0.23 27.12
CA ILE A 202 -1.40 0.39 28.17
C ILE A 202 -0.75 0.09 29.52
N TYR A 203 -0.84 1.04 30.44
CA TYR A 203 -0.10 0.87 31.67
C TYR A 203 -0.91 0.06 32.70
N ALA A 204 -0.27 -0.29 33.81
CA ALA A 204 -0.83 -1.27 34.74
C ALA A 204 -2.16 -0.80 35.32
N ASP A 205 -2.29 0.48 35.61
CA ASP A 205 -3.49 1.04 36.24
C ASP A 205 -4.55 1.47 35.21
N HIS A 206 -4.46 1.01 33.97
CA HIS A 206 -5.41 1.44 32.93
C HIS A 206 -5.79 0.28 32.01
N THR A 207 -6.93 0.46 31.34
CA THR A 207 -7.45 -0.60 30.48
C THR A 207 -7.99 0.01 29.20
N HIS A 208 -7.53 -0.51 28.07
CA HIS A 208 -8.11 0.00 26.84
C HIS A 208 -9.54 -0.48 26.73
N THR A 209 -10.42 0.45 26.41
CA THR A 209 -11.86 0.22 26.31
C THR A 209 -12.24 0.39 24.83
N PRO A 210 -12.37 -0.71 24.07
CA PRO A 210 -12.85 -0.59 22.70
C PRO A 210 -14.22 0.08 22.67
N PHE A 211 -14.35 1.07 21.78
CA PHE A 211 -15.59 1.82 21.65
C PHE A 211 -16.71 0.97 21.04
N ALA A 212 -16.37 0.14 20.07
CA ALA A 212 -17.38 -0.71 19.46
C ALA A 212 -17.68 -1.95 20.31
N SER A 213 -16.85 -2.23 21.32
CA SER A 213 -17.14 -3.28 22.27
C SER A 213 -18.27 -2.91 23.22
N LEU A 214 -18.52 -1.61 23.46
CA LEU A 214 -19.46 -1.21 24.50
C LEU A 214 -20.86 -1.75 24.23
N SER A 215 -21.29 -1.68 22.97
CA SER A 215 -22.68 -2.00 22.67
C SER A 215 -22.86 -2.34 21.20
N GLU A 216 -23.95 -3.05 20.92
CA GLU A 216 -24.41 -3.25 19.55
C GLU A 216 -24.81 -1.93 18.90
N GLU A 217 -25.16 -0.93 19.71
CA GLU A 217 -25.55 0.37 19.19
C GLU A 217 -24.36 1.19 18.72
N LEU A 218 -23.26 1.16 19.46
CA LEU A 218 -22.06 1.83 19.02
C LEU A 218 -21.29 1.04 17.97
N ALA A 219 -21.44 -0.29 17.96
CA ALA A 219 -20.75 -1.12 16.97
C ALA A 219 -21.21 -0.80 15.56
N GLU A 220 -22.52 -0.69 15.35
CA GLU A 220 -23.01 -0.46 13.99
C GLU A 220 -22.77 0.98 13.50
N ARG A 221 -22.11 1.84 14.28
CA ARG A 221 -21.83 3.21 13.85
C ARG A 221 -20.35 3.57 14.00
N THR A 222 -19.51 2.59 14.31
CA THR A 222 -18.11 2.84 14.56
C THR A 222 -17.27 2.01 13.61
N ILE A 223 -16.21 2.63 13.08
CA ILE A 223 -15.18 1.96 12.29
C ILE A 223 -13.92 1.93 13.12
N THR A 224 -13.42 0.74 13.41
CA THR A 224 -12.32 0.57 14.35
C THR A 224 -11.02 0.19 13.65
N CYS A 225 -10.01 1.03 13.83
CA CYS A 225 -8.69 0.85 13.23
C CYS A 225 -7.75 0.40 14.32
N MET A 226 -7.01 -0.67 14.04
CA MET A 226 -6.04 -1.29 14.93
C MET A 226 -4.83 -1.74 14.11
N ALA A 227 -3.71 -1.89 14.78
CA ALA A 227 -2.51 -2.38 14.08
C ALA A 227 -1.47 -3.00 15.00
N PRO A 228 -0.56 -3.93 14.60
CA PRO A 228 0.65 -4.29 15.37
C PRO A 228 1.85 -3.41 15.07
N SER A 229 1.68 -2.46 14.15
CA SER A 229 2.81 -1.70 13.64
C SER A 229 3.44 -0.86 14.73
N THR A 231 2.63 -1.30 18.07
CA THR A 231 2.80 -2.15 19.25
C THR A 231 4.07 -2.96 19.18
N PHE A 232 4.36 -3.57 18.04
CA PHE A 232 5.51 -4.45 17.89
C PHE A 232 6.63 -3.81 17.09
N ASN A 233 6.50 -2.53 16.73
CA ASN A 233 7.52 -1.79 15.98
C ASN A 233 7.78 -2.42 14.62
N ILE A 234 6.71 -2.66 13.85
CA ILE A 234 6.86 -3.15 12.49
C ILE A 234 6.10 -2.21 11.54
N ALA A 235 6.15 -0.91 11.83
CA ALA A 235 5.44 0.13 11.08
C ALA A 235 5.96 0.35 9.66
N GLY A 236 7.15 -0.15 9.32
CA GLY A 236 7.64 -0.12 7.96
C GLY A 236 7.18 -1.26 7.08
N LEU A 237 6.45 -2.20 7.68
CA LEU A 237 5.87 -3.32 6.94
C LEU A 237 4.42 -3.08 6.52
N GLN A 238 3.76 -2.08 7.10
CA GLN A 238 2.43 -1.63 6.68
C GLN A 238 1.35 -2.71 6.83
N ALA A 239 1.14 -3.16 8.06
CA ALA A 239 0.04 -4.06 8.42
C ALA A 239 -0.98 -3.31 9.28
N SER A 240 -2.26 -3.43 8.92
CA SER A 240 -3.37 -2.79 9.64
C SER A 240 -4.61 -3.65 9.50
N ILE A 241 -5.49 -3.55 10.50
CA ILE A 241 -6.70 -4.37 10.59
C ILE A 241 -7.87 -3.45 10.87
N ILE A 242 -8.88 -3.46 10.00
CA ILE A 242 -10.09 -2.67 10.21
C ILE A 242 -11.26 -3.59 10.47
N ILE A 243 -11.98 -3.33 11.56
CA ILE A 243 -13.15 -4.09 11.96
C ILE A 243 -14.37 -3.18 11.77
N ILE A 244 -15.36 -3.68 11.00
CA ILE A 244 -16.60 -2.95 10.69
C ILE A 244 -17.80 -3.87 10.88
N PRO A 245 -18.46 -3.88 12.04
CA PRO A 245 -19.63 -4.78 12.22
C PRO A 245 -20.84 -4.51 11.31
N ASN A 246 -21.29 -3.26 11.11
CA ASN A 246 -22.42 -2.87 10.21
C ASN A 246 -22.09 -3.24 8.75
N GLU A 247 -22.83 -4.17 8.14
CA GLU A 247 -22.57 -4.66 6.78
C GLU A 247 -22.57 -3.55 5.74
N LYS A 248 -23.54 -2.64 5.84
CA LYS A 248 -23.69 -1.53 4.91
C LYS A 248 -22.51 -0.57 5.03
N LEU A 249 -21.98 -0.37 6.24
CA LEU A 249 -20.77 0.44 6.37
C LEU A 249 -19.53 -0.31 5.87
N ARG A 250 -19.43 -1.62 6.11
CA ARG A 250 -18.22 -2.30 5.65
C ARG A 250 -18.09 -2.26 4.13
N HIS A 251 -19.21 -2.39 3.42
CA HIS A 251 -19.14 -2.50 1.96
C HIS A 251 -18.78 -1.16 1.29
N ALA A 252 -19.30 -0.04 1.82
CA ALA A 252 -18.98 1.26 1.26
C ALA A 252 -17.55 1.67 1.55
N PHE A 253 -16.97 1.22 2.67
CA PHE A 253 -15.53 1.40 2.90
C PHE A 253 -14.71 0.60 1.91
N THR A 254 -15.03 -0.70 1.77
CA THR A 254 -14.30 -1.56 0.84
C THR A 254 -14.53 -1.16 -0.62
N ALA A 255 -15.61 -0.44 -0.89
CA ALA A 255 -15.87 0.10 -2.20
C ALA A 255 -14.85 1.15 -2.57
N ILE A 256 -14.51 2.01 -1.61
CA ILE A 256 -13.55 3.09 -1.83
C ILE A 256 -12.15 2.53 -2.00
N GLN A 257 -11.79 1.53 -1.21
CA GLN A 257 -10.51 0.87 -1.42
C GLN A 257 -10.43 0.31 -2.83
N TYR A 258 -11.52 -0.31 -3.30
CA TYR A 258 -11.48 -0.97 -4.60
C TYR A 258 -11.31 0.04 -5.73
N ARG A 259 -12.05 1.14 -5.70
CA ARG A 259 -11.91 2.23 -6.65
C ARG A 259 -10.55 2.94 -6.59
N GLN A 260 -9.73 2.71 -5.58
CA GLN A 260 -8.38 3.27 -5.55
C GLN A 260 -7.32 2.18 -5.65
N GLY A 261 -7.69 0.99 -6.15
CA GLY A 261 -6.78 -0.07 -6.56
C GLY A 261 -6.20 -0.96 -5.48
N PHE A 262 -6.62 -0.79 -4.23
CA PHE A 262 -6.15 -1.62 -3.09
C PHE A 262 -6.72 -3.02 -3.10
N HIS A 263 -5.85 -4.05 -3.03
CA HIS A 263 -6.28 -5.45 -3.07
C HIS A 263 -5.66 -6.26 -1.95
N GLY A 264 -5.28 -5.61 -0.86
CA GLY A 264 -4.63 -6.29 0.24
C GLY A 264 -3.19 -5.84 0.42
N LEU A 265 -2.54 -6.49 1.37
CA LEU A 265 -1.23 -6.11 1.89
C LEU A 265 -0.11 -6.95 1.29
N ASN A 266 1.08 -6.59 1.70
CA ASN A 266 2.30 -7.22 1.20
C ASN A 266 2.61 -8.52 1.92
N ILE A 267 3.53 -9.28 1.39
CA ILE A 267 3.80 -10.63 1.90
C ILE A 267 4.21 -10.63 3.37
N PHE A 268 5.10 -9.72 3.76
CA PHE A 268 5.67 -9.72 5.11
C PHE A 268 4.79 -8.99 6.13
N ALA A 269 3.91 -8.09 5.67
CA ALA A 269 2.90 -7.50 6.55
C ALA A 269 1.95 -8.57 7.07
N TYR A 270 1.52 -9.50 6.22
CA TYR A 270 0.74 -10.62 6.73
C TYR A 270 1.63 -11.47 7.63
N THR A 271 2.87 -11.74 7.19
CA THR A 271 3.73 -12.70 7.87
C THR A 271 4.12 -12.22 9.26
N ALA A 272 4.37 -10.91 9.39
CA ALA A 272 4.72 -10.33 10.68
C ALA A 272 3.50 -10.20 11.60
N MET A 273 2.37 -9.76 11.04
CA MET A 273 1.15 -9.59 11.84
C MET A 273 0.64 -10.92 12.37
N GLN A 274 0.75 -11.99 11.58
CA GLN A 274 0.28 -13.30 12.03
C GLN A 274 1.04 -13.78 13.25
N SER A 275 2.36 -13.54 13.27
CA SER A 275 3.17 -13.94 14.42
C SER A 275 2.95 -13.00 15.59
N ALA A 276 2.85 -11.71 15.31
CA ALA A 276 2.69 -10.70 16.35
C ALA A 276 1.52 -10.99 17.26
N TYR A 277 0.47 -11.59 16.73
CA TYR A 277 -0.72 -11.84 17.49
C TYR A 277 -0.78 -13.26 18.06
N THR A 278 0.28 -14.05 17.89
CA THR A 278 0.24 -15.45 18.29
C THR A 278 1.37 -15.88 19.23
N GLU A 279 2.61 -15.55 18.91
CA GLU A 279 3.76 -16.10 19.61
C GLU A 279 4.62 -15.04 20.31
N CYS A 280 4.15 -13.79 20.43
CA CYS A 280 4.98 -12.71 20.96
C CYS A 280 4.40 -12.10 22.24
N ASN A 281 3.51 -12.81 22.93
CA ASN A 281 2.74 -12.22 24.03
C ASN A 281 3.63 -11.78 25.19
N ASP A 282 4.65 -12.59 25.53
CA ASP A 282 5.48 -12.25 26.68
C ASP A 282 6.38 -11.05 26.40
N TRP A 283 6.79 -10.89 25.14
CA TRP A 283 7.56 -9.71 24.73
C TRP A 283 6.75 -8.43 24.91
N LEU A 284 5.42 -8.52 24.78
CA LEU A 284 4.55 -7.36 24.99
C LEU A 284 4.32 -7.08 26.47
N ASN A 285 4.39 -8.12 27.34
CA ASN A 285 4.45 -7.87 28.78
C ASN A 285 5.71 -7.14 29.14
N LYS A 286 6.84 -7.57 28.57
CA LYS A 286 8.13 -6.92 28.80
C LYS A 286 8.04 -5.43 28.49
N ILE A 287 7.70 -5.11 27.23
CA ILE A 287 7.71 -3.74 26.76
C ILE A 287 6.70 -2.87 27.51
N ARG A 288 5.70 -3.44 28.13
CA ARG A 288 4.77 -2.56 28.85
C ARG A 288 5.50 -2.12 30.11
N LEU A 289 6.10 -3.05 30.81
CA LEU A 289 6.71 -2.66 32.08
C LEU A 289 7.95 -1.81 31.86
N TYR A 290 8.62 -1.98 30.73
CA TYR A 290 9.75 -1.12 30.41
C TYR A 290 9.30 0.29 30.07
N ILE A 291 8.22 0.41 29.29
CA ILE A 291 7.75 1.73 28.90
C ILE A 291 7.25 2.51 30.12
N GLU A 292 6.45 1.88 30.99
CA GLU A 292 5.85 2.62 32.11
C GLU A 292 6.92 3.16 33.04
N ASP A 293 7.93 2.35 33.37
CA ASP A 293 8.99 2.84 34.22
C ASP A 293 9.83 3.87 33.50
N ASN A 294 9.92 3.76 32.17
CA ASN A 294 10.53 4.84 31.40
C ASN A 294 9.69 6.11 31.48
N ALA A 295 8.36 5.96 31.47
CA ALA A 295 7.47 7.11 31.68
C ALA A 295 7.55 7.62 33.11
N LYS A 296 7.75 6.72 34.07
CA LYS A 296 7.93 7.15 35.45
C LYS A 296 9.26 7.88 35.61
N PHE A 297 10.35 7.27 35.12
CA PHE A 297 11.68 7.87 35.21
C PHE A 297 11.70 9.26 34.59
N ALA A 298 11.06 9.43 33.45
CA ALA A 298 11.09 10.71 32.76
C ALA A 298 10.27 11.75 33.48
N CYS A 299 9.11 11.36 33.99
CA CYS A 299 8.21 12.33 34.59
C CYS A 299 8.76 12.90 35.88
N GLU A 300 9.59 12.12 36.58
CA GLU A 300 10.22 12.55 37.83
C GLU A 300 11.46 13.40 37.59
N TYR A 301 12.30 13.04 36.62
CA TYR A 301 13.49 13.85 36.31
C TYR A 301 13.12 15.28 35.98
N MET A 302 11.99 15.49 35.29
CA MET A 302 11.50 16.83 35.01
C MET A 302 10.75 17.42 36.18
N LYS A 303 10.26 16.57 37.08
CA LYS A 303 9.82 17.01 38.39
C LYS A 303 10.99 17.55 39.20
N ASP A 304 12.00 16.72 39.36
CA ASP A 304 13.11 16.99 40.26
C ASP A 304 14.12 17.95 39.66
N HIS A 305 14.58 17.69 38.44
CA HIS A 305 15.75 18.37 37.87
C HIS A 305 15.45 19.33 36.74
N ILE A 306 14.21 19.39 36.25
CA ILE A 306 13.79 20.41 35.29
C ILE A 306 12.47 20.97 35.77
N PRO A 307 12.43 21.59 36.96
CA PRO A 307 11.14 21.98 37.55
C PRO A 307 10.40 23.04 36.77
N THR A 308 11.03 23.64 35.75
CA THR A 308 10.41 24.68 34.94
C THR A 308 9.59 24.09 33.79
N LEU A 309 9.48 22.76 33.73
CA LEU A 309 8.60 22.06 32.78
C LEU A 309 7.56 21.24 33.53
N SER A 310 6.34 21.21 32.99
CA SER A 310 5.25 20.39 33.50
C SER A 310 4.81 19.41 32.42
N VAL A 311 5.00 18.13 32.69
CA VAL A 311 4.67 17.06 31.76
C VAL A 311 3.46 16.34 32.31
N THR A 312 2.47 16.11 31.46
CA THR A 312 1.30 15.37 31.88
C THR A 312 1.56 13.88 31.79
N LYS A 313 1.12 13.15 32.81
CA LYS A 313 1.39 11.73 32.88
C LYS A 313 0.64 10.97 31.80
N PRO A 314 1.32 10.19 30.98
CA PRO A 314 0.62 9.29 30.06
C PRO A 314 0.15 8.03 30.76
N GLU A 315 -0.89 7.43 30.20
CA GLU A 315 -1.45 6.18 30.69
C GLU A 315 -1.27 5.08 29.65
N GLY A 316 -0.64 5.39 28.52
CA GLY A 316 -0.30 4.38 27.55
C GLY A 316 0.68 4.89 26.52
N SER A 317 1.08 3.93 25.62
CA SER A 317 2.01 4.05 24.45
C SER A 317 3.37 4.52 24.97
N PHE A 318 4.10 5.35 24.22
CA PHE A 318 5.47 5.69 24.55
C PHE A 318 5.84 7.12 24.16
N LEU A 319 4.89 8.04 24.22
CA LEU A 319 5.10 9.45 23.90
C LEU A 319 4.81 10.27 25.14
N LEU A 320 5.57 11.35 25.32
CA LEU A 320 5.46 12.21 26.49
C LEU A 320 5.15 13.62 26.04
N TRP A 321 4.12 14.19 26.63
CA TRP A 321 3.57 15.49 26.26
C TRP A 321 3.98 16.48 27.33
N ILE A 322 4.83 17.46 26.98
CA ILE A 322 5.51 18.31 27.95
C ILE A 322 5.22 19.78 27.64
N ASP A 323 4.83 20.55 28.65
CA ASP A 323 4.59 21.98 28.45
C ASP A 323 5.87 22.78 28.66
N CYS A 324 6.17 23.67 27.71
CA CYS A 324 7.35 24.54 27.77
C CYS A 324 7.00 26.03 27.85
N SER A 325 5.79 26.36 28.31
CA SER A 325 5.33 27.74 28.28
C SER A 325 5.97 28.60 29.38
N ALA A 326 6.32 28.01 30.52
CA ALA A 326 6.96 28.87 31.52
C ALA A 326 8.27 29.45 30.98
N LEU A 327 8.82 28.85 29.93
CA LEU A 327 10.04 29.39 29.33
C LEU A 327 9.77 30.62 28.47
N ASN A 328 8.52 30.79 28.02
CA ASN A 328 8.14 31.94 27.21
C ASN A 328 9.09 32.10 26.03
N LEU A 329 9.08 31.07 25.18
CA LEU A 329 9.82 31.04 23.94
C LEU A 329 8.87 30.71 22.80
N SER A 330 9.11 31.36 21.65
CA SER A 330 8.43 31.00 20.42
C SER A 330 8.96 29.66 19.95
N GLN A 331 8.23 29.04 19.05
CA GLN A 331 8.61 27.72 18.55
C GLN A 331 10.02 27.76 18.01
N ASP A 332 10.36 28.72 17.14
CA ASP A 332 11.69 28.81 16.55
C ASP A 332 12.73 29.17 17.59
N GLU A 333 12.37 30.06 18.53
CA GLU A 333 13.23 30.28 19.70
C GLU A 333 13.47 28.96 20.40
N ARG A 334 12.41 28.19 20.64
CA ARG A 334 12.53 26.92 21.35
C ARG A 334 13.25 25.88 20.49
N THR A 335 12.86 25.75 19.23
CA THR A 335 13.42 24.69 18.38
C THR A 335 14.92 24.87 18.19
N LYS A 336 15.35 26.08 17.81
CA LYS A 336 16.77 26.36 17.58
C LYS A 336 17.61 26.00 18.80
N LEU A 337 17.14 26.32 19.99
CA LEU A 337 17.91 25.97 21.19
C LEU A 337 18.10 24.47 21.28
N LEU A 338 17.05 23.70 20.98
CA LEU A 338 17.16 22.24 21.05
C LEU A 338 18.11 21.66 20.02
N GLU A 339 18.11 22.19 18.79
CA GLU A 339 18.98 21.65 17.76
C GLU A 339 20.40 22.21 17.85
N GLU A 340 20.51 23.52 18.15
CA GLU A 340 21.82 24.15 18.37
C GLU A 340 22.44 23.70 19.68
N LYS A 341 21.80 24.06 20.80
CA LYS A 341 22.39 23.85 22.11
C LYS A 341 22.06 22.48 22.67
N GLY A 342 20.82 22.02 22.52
CA GLY A 342 20.45 20.72 23.04
C GLY A 342 21.06 19.57 22.27
N LYS A 343 21.26 19.74 20.96
CA LYS A 343 21.69 18.67 20.07
C LYS A 343 20.74 17.48 20.16
N ILE A 344 19.44 17.77 20.07
CA ILE A 344 18.39 16.76 20.17
C ILE A 344 17.19 17.20 19.33
N ILE A 345 16.56 16.23 18.65
CA ILE A 345 15.39 16.51 17.83
C ILE A 345 14.17 15.86 18.49
N VAL A 346 13.22 16.70 18.91
CA VAL A 346 11.96 16.29 19.50
C VAL A 346 10.81 16.76 18.60
N GLU A 347 9.62 16.43 19.04
CA GLU A 347 8.42 16.76 18.25
C GLU A 347 7.86 18.12 18.64
N PRO A 348 7.78 19.13 17.75
CA PRO A 348 7.03 20.35 18.11
C PRO A 348 5.53 20.10 18.23
N GLY A 349 4.93 20.79 19.19
CA GLY A 349 3.53 20.64 19.54
C GLY A 349 2.56 21.49 18.76
N GLU A 350 3.02 22.61 18.20
CA GLU A 350 2.13 23.59 17.57
C GLU A 350 1.42 23.00 16.36
N LYS A 351 1.98 21.94 15.81
CA LYS A 351 1.42 21.24 14.64
C LYS A 351 0.34 20.22 15.06
N TYR A 352 0.04 20.15 16.36
CA TYR A 352 -1.04 19.28 16.81
C TYR A 352 -2.33 20.04 16.98
N GLY A 353 -2.34 21.33 16.71
CA GLY A 353 -3.50 22.17 16.90
C GLY A 353 -3.65 22.77 18.28
N LEU A 354 -4.85 23.32 18.50
CA LEU A 354 -5.11 24.11 19.69
C LEU A 354 -4.66 23.36 20.94
N GLY A 355 -3.79 23.99 21.74
CA GLY A 355 -3.19 23.36 22.89
C GLY A 355 -1.85 22.71 22.63
N GLY A 356 -1.33 22.80 21.40
CA GLY A 356 -0.01 22.33 21.06
C GLY A 356 0.99 23.47 21.07
N GLU A 357 0.49 24.69 21.16
CA GLU A 357 1.36 25.85 21.27
C GLU A 357 2.22 25.75 22.53
N GLU A 358 3.55 25.99 22.32
CA GLU A 358 4.69 26.00 23.31
C GLU A 358 4.82 24.64 24.02
N HIS A 359 4.35 23.57 23.44
CA HIS A 359 4.61 22.22 23.96
C HIS A 359 5.59 21.48 23.05
N ILE A 360 6.13 20.38 23.57
CA ILE A 360 6.90 19.44 22.76
C ILE A 360 6.48 18.01 23.09
N ARG A 361 6.67 17.11 22.13
CA ARG A 361 6.40 15.68 22.29
C ARG A 361 7.70 14.92 22.06
N ILE A 362 8.07 14.08 23.02
CA ILE A 362 9.29 13.30 22.93
C ILE A 362 8.94 11.82 23.03
N ASN A 363 9.82 10.99 22.47
CA ASN A 363 9.63 9.54 22.40
C ASN A 363 10.37 8.86 23.56
N ILE A 364 9.62 8.16 24.40
CA ILE A 364 10.21 7.40 25.50
C ILE A 364 10.19 5.90 25.20
N GLY A 365 10.09 5.55 23.93
CA GLY A 365 10.29 4.17 23.53
C GLY A 365 11.74 3.86 23.25
N CYS A 366 12.63 4.11 24.20
CA CYS A 366 14.06 3.94 23.99
C CYS A 366 14.66 3.32 25.23
N PRO A 367 15.84 2.72 25.11
CA PRO A 367 16.57 2.28 26.30
C PRO A 367 16.82 3.44 27.25
N ARG A 368 16.78 3.12 28.55
CA ARG A 368 17.02 4.13 29.57
C ARG A 368 18.32 4.88 29.34
N SER A 369 19.33 4.20 28.81
CA SER A 369 20.57 4.87 28.43
C SER A 369 20.28 6.08 27.56
N VAL A 370 19.54 5.88 26.46
CA VAL A 370 19.16 7.01 25.62
C VAL A 370 18.25 7.95 26.38
N LEU A 371 17.33 7.39 27.15
CA LEU A 371 16.35 8.23 27.84
C LEU A 371 17.01 9.18 28.86
N GLU A 372 18.07 8.73 29.54
CA GLU A 372 18.72 9.62 30.50
C GLU A 372 19.52 10.70 29.79
N GLU A 373 20.17 10.35 28.68
CA GLU A 373 20.84 11.38 27.91
C GLU A 373 19.84 12.31 27.24
N ILE A 374 18.67 11.81 26.87
CA ILE A 374 17.63 12.68 26.30
C ILE A 374 17.22 13.76 27.31
N LEU A 375 17.16 13.39 28.60
CA LEU A 375 16.73 14.34 29.63
C LEU A 375 17.86 15.25 30.09
N ASN A 376 19.09 14.73 30.15
CA ASN A 376 20.23 15.58 30.49
C ASN A 376 20.35 16.74 29.52
N ARG A 377 20.08 16.49 28.26
CA ARG A 377 20.19 17.53 27.23
C ARG A 377 18.98 18.44 27.28
N LEU A 378 17.80 17.94 27.62
CA LEU A 378 16.62 18.80 27.68
C LEU A 378 16.73 19.77 28.83
N ARG A 379 17.27 19.32 29.96
CA ARG A 379 17.62 20.23 31.03
C ARG A 379 18.70 21.19 30.55
N HIS A 380 19.82 20.63 30.07
CA HIS A 380 20.90 21.42 29.51
C HIS A 380 20.38 22.48 28.56
N THR A 381 19.42 22.13 27.71
CA THR A 381 18.89 23.06 26.68
C THR A 381 18.29 24.31 27.31
N PHE A 382 17.57 24.18 28.40
CA PHE A 382 16.80 25.28 28.96
C PHE A 382 17.36 25.81 30.28
N SER A 383 18.53 25.34 30.69
CA SER A 383 19.15 25.82 31.92
C SER A 383 19.93 27.11 31.66
N LYS B 6 13.68 -26.30 -12.84
CA LYS B 6 13.13 -26.92 -11.64
C LYS B 6 11.75 -26.35 -11.36
N ALA B 7 10.74 -27.22 -11.41
CA ALA B 7 9.43 -26.84 -10.89
C ALA B 7 9.54 -26.71 -9.39
N ILE B 8 9.04 -25.61 -8.85
CA ILE B 8 9.13 -25.33 -7.42
C ILE B 8 7.73 -25.46 -6.83
N ASN B 9 7.62 -26.19 -5.72
CA ASN B 9 6.33 -26.35 -5.08
C ASN B 9 5.86 -25.00 -4.59
N ARG B 10 4.69 -24.59 -5.04
CA ARG B 10 4.10 -23.34 -4.59
C ARG B 10 2.79 -23.55 -3.83
N ARG B 11 2.33 -24.79 -3.69
CA ARG B 11 1.20 -25.08 -2.83
C ARG B 11 1.61 -24.91 -1.38
N GLY B 12 0.71 -24.37 -0.57
CA GLY B 12 1.00 -24.11 0.83
C GLY B 12 1.86 -22.90 1.08
N THR B 13 1.87 -21.94 0.15
CA THR B 13 2.66 -20.73 0.25
C THR B 13 1.80 -19.48 0.31
N HIS B 14 0.47 -19.66 0.42
CA HIS B 14 -0.55 -18.61 0.34
C HIS B 14 -0.47 -17.84 -0.98
N SER B 15 0.21 -18.39 -1.97
CA SER B 15 0.17 -17.86 -3.32
C SER B 15 -1.25 -17.98 -3.87
N ILE B 16 -1.76 -16.89 -4.44
CA ILE B 16 -3.09 -16.92 -5.05
C ILE B 16 -3.15 -17.96 -6.18
N LYS B 17 -2.05 -18.15 -6.91
CA LYS B 17 -2.07 -19.05 -8.05
C LYS B 17 -2.21 -20.50 -7.62
N TRP B 18 -1.45 -20.90 -6.61
CA TRP B 18 -1.29 -22.30 -6.25
C TRP B 18 -2.07 -22.71 -5.01
N ASP B 19 -2.58 -21.75 -4.24
CA ASP B 19 -3.24 -22.10 -3.01
C ASP B 19 -4.72 -21.75 -2.97
N THR B 20 -5.24 -21.02 -3.96
CA THR B 20 -6.64 -20.66 -3.90
C THR B 20 -7.54 -21.87 -4.11
N TYR B 21 -7.11 -22.80 -4.95
CA TYR B 21 -7.78 -24.09 -5.11
C TYR B 21 -7.03 -25.15 -4.33
N LYS B 22 -7.76 -26.02 -3.65
CA LYS B 22 -7.12 -27.03 -2.82
C LYS B 22 -7.07 -28.42 -3.45
N ASN B 23 -7.81 -28.66 -4.53
CA ASN B 23 -7.71 -29.96 -5.20
C ASN B 23 -6.34 -30.06 -5.85
N GLU B 24 -5.50 -30.94 -5.31
CA GLU B 24 -4.11 -31.04 -5.76
C GLU B 24 -3.98 -31.60 -7.16
N GLU B 25 -5.09 -31.99 -7.78
CA GLU B 25 -5.05 -32.45 -9.16
C GLU B 25 -5.01 -31.29 -10.16
N LEU B 26 -5.27 -30.07 -9.72
CA LEU B 26 -5.38 -28.94 -10.64
C LEU B 26 -4.00 -28.42 -10.99
N ILE B 27 -3.85 -28.04 -12.27
CA ILE B 27 -2.71 -27.28 -12.75
C ILE B 27 -3.15 -25.84 -12.89
N HIS B 28 -2.35 -24.90 -12.39
CA HIS B 28 -2.72 -23.50 -12.37
C HIS B 28 -1.83 -22.71 -13.31
N ALA B 29 -2.46 -21.95 -14.23
CA ALA B 29 -1.78 -21.10 -15.20
C ALA B 29 -2.58 -19.83 -15.48
N TRP B 30 -3.30 -19.32 -14.47
CA TRP B 30 -4.21 -18.18 -14.63
C TRP B 30 -3.58 -16.86 -14.21
N ILE B 31 -3.22 -16.72 -12.92
CA ILE B 31 -2.69 -15.43 -12.44
C ILE B 31 -1.30 -15.19 -13.02
N ALA B 32 -1.01 -13.92 -13.31
CA ALA B 32 0.16 -13.56 -14.13
C ALA B 32 1.41 -13.33 -13.28
N ASP B 33 1.76 -14.34 -12.48
CA ASP B 33 3.05 -14.38 -11.82
C ASP B 33 3.81 -15.62 -12.26
N MET B 34 5.14 -15.54 -12.28
CA MET B 34 5.91 -16.66 -12.78
C MET B 34 6.17 -17.65 -11.64
N ASP B 35 6.34 -18.91 -12.00
CA ASP B 35 6.68 -19.95 -11.04
C ASP B 35 8.17 -20.24 -11.02
N PHE B 36 8.99 -19.18 -11.09
CA PHE B 36 10.44 -19.26 -11.12
C PHE B 36 11.03 -18.63 -9.88
N GLU B 37 12.22 -19.12 -9.50
CA GLU B 37 12.99 -18.46 -8.45
C GLU B 37 13.32 -17.03 -8.86
N VAL B 38 13.07 -16.09 -7.95
CA VAL B 38 13.46 -14.69 -8.08
C VAL B 38 14.97 -14.61 -8.26
N PRO B 39 15.50 -13.60 -8.95
CA PRO B 39 16.96 -13.40 -8.99
C PRO B 39 17.58 -13.40 -7.59
N LYS B 40 18.69 -14.12 -7.46
CA LYS B 40 19.36 -14.22 -6.16
C LYS B 40 19.84 -12.90 -5.58
N PRO B 41 20.42 -11.97 -6.36
CA PRO B 41 20.74 -10.71 -5.81
C PRO B 41 19.58 -10.11 -5.00
N ILE B 42 18.36 -10.19 -5.48
CA ILE B 42 17.22 -9.62 -4.77
C ILE B 42 17.02 -10.33 -3.43
N GLN B 43 17.04 -11.67 -3.44
CA GLN B 43 16.87 -12.45 -2.23
C GLN B 43 18.00 -12.21 -1.25
N THR B 44 19.19 -11.91 -1.74
CA THR B 44 20.30 -11.68 -0.83
C THR B 44 20.13 -10.33 -0.13
N ALA B 45 19.61 -9.33 -0.85
CA ALA B 45 19.32 -8.06 -0.19
C ALA B 45 18.19 -8.19 0.82
N LEU B 46 17.19 -9.04 0.54
CA LEU B 46 16.05 -9.18 1.44
C LEU B 46 16.42 -9.87 2.74
N LYS B 47 17.25 -10.91 2.68
CA LYS B 47 17.69 -11.56 3.91
C LYS B 47 18.76 -10.74 4.62
N GLN B 48 19.54 -9.94 3.87
CA GLN B 48 20.47 -9.01 4.47
C GLN B 48 19.74 -7.94 5.27
N ARG B 49 18.58 -7.49 4.78
CA ARG B 49 17.87 -6.42 5.48
C ARG B 49 17.25 -6.91 6.78
N ILE B 50 16.83 -8.18 6.83
CA ILE B 50 16.18 -8.73 8.03
C ILE B 50 17.18 -8.82 9.18
N LYS B 51 18.48 -8.80 8.87
CA LYS B 51 19.50 -8.80 9.90
C LYS B 51 19.40 -7.60 10.83
N HIS B 52 18.66 -6.55 10.46
CA HIS B 52 18.40 -5.42 11.33
C HIS B 52 16.99 -5.55 11.90
N PRO B 53 16.83 -6.08 13.12
CA PRO B 53 15.48 -6.42 13.62
C PRO B 53 14.66 -5.23 14.08
N ILE B 54 14.66 -4.15 13.30
CA ILE B 54 13.74 -3.03 13.53
C ILE B 54 13.17 -2.66 12.17
N PHE B 55 11.86 -2.48 12.12
CA PHE B 55 11.08 -2.25 10.90
C PHE B 55 10.23 -1.01 11.04
N GLY B 56 10.83 0.07 11.52
CA GLY B 56 10.13 1.32 11.64
C GLY B 56 9.96 2.00 10.31
N TYR B 57 9.61 3.28 10.38
CA TYR B 57 9.36 4.06 9.18
C TYR B 57 10.66 4.21 8.41
N THR B 58 10.57 4.12 7.10
CA THR B 58 11.73 4.12 6.24
C THR B 58 11.54 5.18 5.18
N LEU B 59 12.64 5.80 4.76
CA LEU B 59 12.74 6.71 3.61
C LEU B 59 13.06 5.96 2.33
N PRO B 60 12.74 6.55 1.18
CA PRO B 60 13.34 6.07 -0.09
C PRO B 60 14.84 6.30 -0.10
N PRO B 61 15.64 5.34 -0.56
CA PRO B 61 17.10 5.48 -0.46
C PRO B 61 17.63 6.71 -1.17
N GLU B 62 18.81 7.17 -0.74
CA GLU B 62 19.39 8.37 -1.33
C GLU B 62 19.65 8.20 -2.81
N ASN B 63 20.07 7.00 -3.21
CA ASN B 63 20.56 6.65 -4.54
C ASN B 63 19.45 6.24 -5.52
N ILE B 64 18.23 6.03 -5.03
CA ILE B 64 17.19 5.36 -5.80
C ILE B 64 16.87 6.11 -7.09
N GLY B 65 17.11 7.42 -7.12
CA GLY B 65 16.84 8.19 -8.33
C GLY B 65 17.81 7.90 -9.47
N ASP B 66 19.10 7.75 -9.16
CA ASP B 66 20.07 7.43 -10.18
C ASP B 66 19.82 6.04 -10.74
N ILE B 67 19.55 5.07 -9.87
CA ILE B 67 19.38 3.69 -10.30
C ILE B 67 18.26 3.57 -11.32
N ILE B 68 17.12 4.20 -11.04
CA ILE B 68 15.99 4.15 -11.96
C ILE B 68 16.30 4.91 -13.23
N CYS B 69 16.97 6.07 -13.12
CA CYS B 69 17.32 6.83 -14.32
C CYS B 69 18.29 6.06 -15.19
N ASN B 70 19.19 5.31 -14.54
CA ASN B 70 20.10 4.45 -15.27
C ASN B 70 19.34 3.32 -15.95
N TRP B 71 18.49 2.59 -15.21
CA TRP B 71 17.63 1.50 -15.75
C TRP B 71 16.86 1.95 -16.97
N LYS B 73 17.35 4.22 -19.05
CA LYS B 73 18.15 4.55 -20.24
C LYS B 73 18.93 3.29 -20.60
N GLN B 74 19.41 2.55 -19.60
CA GLN B 74 20.15 1.35 -19.99
C GLN B 74 19.24 0.39 -20.74
N GLN B 75 17.96 0.32 -20.35
CA GLN B 75 17.02 -0.63 -20.94
C GLN B 75 16.29 -0.10 -22.17
N TYR B 76 16.00 1.20 -22.18
CA TYR B 76 15.19 1.77 -23.28
C TYR B 76 15.73 3.10 -23.85
N ASP B 77 16.96 3.49 -23.49
CA ASP B 77 17.57 4.73 -24.00
C ASP B 77 16.62 5.92 -23.89
N TRP B 78 15.96 5.99 -22.75
CA TRP B 78 15.10 7.16 -22.47
C TRP B 78 15.86 7.95 -21.39
N ASP B 79 16.00 9.25 -21.62
CA ASP B 79 16.72 10.12 -20.68
C ASP B 79 15.66 10.82 -19.83
N ILE B 80 15.62 10.48 -18.56
CA ILE B 80 14.68 11.11 -17.65
C ILE B 80 15.47 11.90 -16.62
N GLN B 81 14.75 12.71 -15.85
CA GLN B 81 15.30 13.44 -14.74
C GLN B 81 14.80 12.79 -13.46
N LYS B 82 15.55 12.98 -12.37
CA LYS B 82 15.21 12.35 -11.09
C LYS B 82 13.87 12.86 -10.55
N GLU B 83 13.49 14.07 -10.93
CA GLU B 83 12.31 14.74 -10.41
C GLU B 83 11.01 14.12 -10.89
N TRP B 84 11.06 13.23 -11.88
CA TRP B 84 9.85 12.68 -12.47
C TRP B 84 9.31 11.48 -11.72
N ILE B 85 10.15 10.78 -10.96
CA ILE B 85 9.78 9.49 -10.40
C ILE B 85 8.81 9.70 -9.25
N VAL B 86 7.64 9.06 -9.34
CA VAL B 86 6.66 9.04 -8.26
C VAL B 86 6.48 7.59 -7.80
N PHE B 87 6.23 7.41 -6.51
CA PHE B 87 6.09 6.09 -5.92
C PHE B 87 4.63 5.68 -5.80
N SER B 88 4.40 4.39 -6.04
CA SER B 88 3.10 3.75 -6.00
C SER B 88 3.30 2.33 -5.50
N ALA B 89 2.31 1.85 -4.77
CA ALA B 89 2.28 0.48 -4.27
C ALA B 89 1.82 -0.52 -5.34
N GLY B 90 1.63 -0.09 -6.57
CA GLY B 90 1.18 -0.97 -7.63
C GLY B 90 0.67 -0.16 -8.79
N ILE B 91 0.59 -0.82 -9.94
CA ILE B 91 0.13 -0.08 -11.11
C ILE B 91 -1.37 0.17 -11.02
N VAL B 92 -2.12 -0.72 -10.35
CA VAL B 92 -3.57 -0.54 -10.29
C VAL B 92 -3.97 0.70 -9.51
N PRO B 93 -3.39 1.01 -8.34
CA PRO B 93 -3.69 2.33 -7.74
C PRO B 93 -3.28 3.50 -8.62
N ALA B 94 -2.17 3.38 -9.36
CA ALA B 94 -1.74 4.47 -10.24
C ALA B 94 -2.68 4.64 -11.43
N LEU B 95 -3.33 3.56 -11.90
CA LEU B 95 -4.38 3.73 -12.91
C LEU B 95 -5.56 4.48 -12.32
N SER B 96 -5.93 4.22 -11.08
CA SER B 96 -7.11 4.88 -10.47
C SER B 96 -6.81 6.33 -10.20
N THR B 97 -5.63 6.63 -9.66
CA THR B 97 -5.17 8.00 -9.35
C THR B 97 -5.02 8.82 -10.61
N SER B 98 -4.59 8.20 -11.70
CA SER B 98 -4.46 8.87 -13.01
C SER B 98 -5.87 9.11 -13.54
N ILE B 99 -6.83 8.24 -13.20
CA ILE B 99 -8.22 8.45 -13.61
C ILE B 99 -8.71 9.63 -12.82
N GLN B 100 -8.60 9.63 -11.51
CA GLN B 100 -9.18 10.72 -10.67
C GLN B 100 -8.43 12.06 -10.76
N ALA B 101 -7.16 12.02 -11.19
CA ALA B 101 -6.41 13.27 -11.32
C ALA B 101 -6.80 14.05 -12.58
N PHE B 102 -6.92 13.36 -13.72
CA PHE B 102 -6.95 14.00 -15.04
C PHE B 102 -8.31 13.99 -15.73
N THR B 103 -9.34 13.46 -15.12
CA THR B 103 -10.71 13.49 -15.68
C THR B 103 -11.70 13.94 -14.63
N LYS B 104 -12.82 14.42 -15.05
CA LYS B 104 -13.88 14.72 -14.12
C LYS B 104 -14.85 13.54 -14.05
N GLU B 105 -15.73 13.59 -13.06
CA GLU B 105 -16.69 12.52 -12.96
C GLU B 105 -17.53 12.51 -14.24
N ASN B 106 -17.92 11.32 -14.69
CA ASN B 106 -18.76 11.09 -15.87
C ASN B 106 -18.10 11.52 -17.18
N GLU B 107 -16.80 11.80 -17.18
CA GLU B 107 -16.02 11.95 -18.41
C GLU B 107 -15.55 10.56 -18.85
N SER B 108 -15.31 10.47 -20.14
CA SER B 108 -15.04 9.14 -20.70
C SER B 108 -13.58 8.77 -20.62
N VAL B 109 -13.30 7.48 -20.51
CA VAL B 109 -11.96 6.88 -20.55
C VAL B 109 -11.99 5.75 -21.55
N LEU B 110 -10.95 5.67 -22.41
CA LEU B 110 -10.90 4.77 -23.57
C LEU B 110 -9.91 3.63 -23.36
N VAL B 111 -10.32 2.43 -23.78
CA VAL B 111 -9.45 1.26 -23.71
C VAL B 111 -9.57 0.53 -25.04
N GLN B 112 -8.61 -0.34 -25.28
CA GLN B 112 -8.51 -1.09 -26.54
C GLN B 112 -8.61 -2.59 -26.22
N PRO B 113 -9.82 -3.19 -26.05
CA PRO B 113 -9.93 -4.62 -25.73
C PRO B 113 -9.50 -5.48 -26.92
N PRO B 114 -9.13 -6.75 -26.68
CA PRO B 114 -9.12 -7.40 -25.37
C PRO B 114 -7.99 -6.90 -24.48
N ILE B 115 -8.31 -6.56 -23.23
CA ILE B 115 -7.36 -5.85 -22.38
C ILE B 115 -7.66 -6.21 -20.93
N TYR B 116 -6.61 -6.14 -20.09
CA TYR B 116 -6.56 -6.34 -18.64
C TYR B 116 -7.78 -5.76 -17.98
N PRO B 117 -8.54 -6.57 -17.24
CA PRO B 117 -9.85 -6.12 -16.74
C PRO B 117 -9.77 -4.94 -15.77
N PRO B 118 -8.74 -4.81 -14.94
CA PRO B 118 -8.70 -3.63 -14.04
C PRO B 118 -8.82 -2.32 -14.76
N PHE B 119 -8.38 -2.26 -16.02
CA PHE B 119 -8.62 -1.07 -16.81
C PHE B 119 -10.12 -0.80 -16.92
N PHE B 120 -10.90 -1.87 -16.99
CA PHE B 120 -12.36 -1.78 -17.09
C PHE B 120 -12.94 -1.43 -15.73
N GLU B 121 -12.50 -2.06 -14.66
CA GLU B 121 -13.14 -1.83 -13.37
C GLU B 121 -12.75 -0.45 -12.80
N MET B 122 -11.50 -0.02 -13.01
CA MET B 122 -11.02 1.21 -12.37
C MET B 122 -11.63 2.46 -12.97
N VAL B 123 -11.81 2.47 -14.27
CA VAL B 123 -12.59 3.53 -14.91
C VAL B 123 -14.02 3.48 -14.40
N THR B 125 -15.63 1.75 -11.75
CA THR B 125 -15.88 1.81 -10.29
C THR B 125 -15.77 3.25 -9.83
N ASN B 126 -14.99 4.06 -10.51
CA ASN B 126 -14.79 5.44 -10.13
C ASN B 126 -15.73 6.39 -10.86
N ARG B 128 -16.30 6.84 -14.02
CA ARG B 128 -15.99 7.40 -15.32
C ARG B 128 -16.63 6.58 -16.43
N GLN B 129 -16.67 7.18 -17.61
CA GLN B 129 -17.43 6.62 -18.73
C GLN B 129 -16.56 5.76 -19.62
N LEU B 130 -17.08 4.57 -19.94
CA LEU B 130 -16.42 3.63 -20.83
C LEU B 130 -16.54 4.06 -22.30
N CYS B 131 -15.39 4.24 -22.94
CA CYS B 131 -15.27 4.25 -24.40
C CYS B 131 -14.31 3.17 -24.85
N VAL B 132 -14.65 2.47 -25.91
CA VAL B 132 -13.78 1.38 -26.34
C VAL B 132 -13.38 1.61 -27.78
N SER B 133 -12.18 1.15 -28.09
CA SER B 133 -11.72 1.02 -29.47
C SER B 133 -11.00 -0.31 -29.60
N PRO B 134 -11.75 -1.42 -29.74
CA PRO B 134 -11.12 -2.74 -29.80
C PRO B 134 -10.14 -2.85 -30.98
N LEU B 135 -9.03 -3.52 -30.75
CA LEU B 135 -8.03 -3.81 -31.77
C LEU B 135 -8.55 -4.77 -32.83
N GLN B 136 -7.86 -4.80 -33.98
CA GLN B 136 -8.24 -5.62 -35.12
C GLN B 136 -7.25 -6.77 -35.27
N LYS B 137 -7.79 -7.98 -35.36
CA LYS B 137 -7.00 -9.21 -35.50
C LYS B 137 -6.59 -9.36 -36.97
N GLN B 138 -5.30 -9.26 -37.24
CA GLN B 138 -4.73 -9.38 -38.58
C GLN B 138 -3.43 -10.16 -38.56
N ASN B 139 -3.23 -10.99 -39.59
CA ASN B 139 -1.96 -11.68 -39.83
C ASN B 139 -1.49 -12.46 -38.60
N ASP B 140 -2.44 -13.14 -37.93
CA ASP B 140 -2.09 -13.84 -36.65
C ASP B 140 -1.54 -12.85 -35.59
N THR B 141 -2.02 -11.62 -35.57
CA THR B 141 -1.62 -10.68 -34.52
C THR B 141 -2.74 -9.64 -34.43
N TYR B 142 -2.56 -8.59 -33.68
CA TYR B 142 -3.52 -7.50 -33.51
C TYR B 142 -2.91 -6.20 -33.98
N VAL B 143 -3.77 -5.35 -34.54
CA VAL B 143 -3.39 -4.02 -34.98
C VAL B 143 -4.43 -3.03 -34.48
N ILE B 144 -4.01 -1.79 -34.36
CA ILE B 144 -4.88 -0.70 -33.92
C ILE B 144 -5.71 -0.23 -35.10
N ASP B 145 -7.00 0.03 -34.85
CA ASP B 145 -7.89 0.62 -35.85
C ASP B 145 -7.79 2.13 -35.72
N PHE B 146 -6.79 2.71 -36.38
CA PHE B 146 -6.52 4.13 -36.21
C PHE B 146 -7.65 5.00 -36.75
N LYS B 147 -8.37 4.56 -37.78
CA LYS B 147 -9.49 5.40 -38.24
C LYS B 147 -10.59 5.43 -37.22
N HIS B 148 -10.94 4.26 -36.68
CA HIS B 148 -11.94 4.16 -35.63
C HIS B 148 -11.43 4.78 -34.33
N LEU B 149 -10.16 4.57 -34.00
CA LEU B 149 -9.66 5.17 -32.77
C LEU B 149 -9.84 6.68 -32.80
N GLU B 150 -9.48 7.32 -33.91
CA GLU B 150 -9.71 8.74 -34.03
C GLU B 150 -11.19 9.06 -34.13
N LYS B 151 -11.99 8.11 -34.56
CA LYS B 151 -13.45 8.34 -34.57
C LYS B 151 -13.94 8.42 -33.13
N GLN B 152 -13.31 7.77 -32.18
CA GLN B 152 -13.70 7.94 -30.77
C GLN B 152 -13.22 9.27 -30.20
N PHE B 153 -12.00 9.71 -30.57
CA PHE B 153 -11.47 10.98 -30.05
C PHE B 153 -12.27 12.18 -30.53
N GLN B 154 -12.95 12.06 -31.68
CA GLN B 154 -13.79 13.15 -32.16
C GLN B 154 -15.02 13.36 -31.30
N GLN B 155 -15.29 12.45 -30.37
CA GLN B 155 -16.41 12.55 -29.45
C GLN B 155 -16.04 13.18 -28.12
N GLY B 156 -14.77 13.41 -27.82
CA GLY B 156 -14.51 14.07 -26.55
C GLY B 156 -13.67 13.27 -25.63
N ILE B 157 -12.85 12.41 -26.19
CA ILE B 157 -12.10 11.57 -25.27
C ILE B 157 -11.04 12.40 -24.55
N LYS B 158 -11.06 12.36 -23.22
CA LYS B 158 -10.12 13.08 -22.37
C LYS B 158 -8.92 12.26 -21.93
N LEU B 159 -9.08 11.00 -21.59
CA LEU B 159 -8.00 10.06 -21.18
C LEU B 159 -8.04 8.76 -21.96
N MET B 160 -6.85 8.22 -22.13
CA MET B 160 -6.63 6.95 -22.79
C MET B 160 -5.75 6.08 -21.91
N LEU B 161 -6.13 4.83 -21.78
CA LEU B 161 -5.27 3.94 -21.00
C LEU B 161 -4.55 3.02 -21.97
N LEU B 162 -3.26 3.19 -22.13
CA LEU B 162 -2.44 2.40 -23.02
C LEU B 162 -1.74 1.29 -22.25
N CYS B 163 -1.74 0.11 -22.85
CA CYS B 163 -0.99 -1.02 -22.36
C CYS B 163 0.14 -1.29 -23.34
N SER B 164 1.37 -1.15 -22.88
CA SER B 164 2.48 -1.41 -23.77
C SER B 164 3.66 -1.98 -23.01
N PRO B 165 3.97 -3.26 -23.15
CA PRO B 165 3.32 -4.25 -24.01
C PRO B 165 1.88 -4.57 -23.62
N HIS B 166 1.10 -5.12 -24.56
CA HIS B 166 -0.36 -5.22 -24.41
C HIS B 166 -0.74 -6.63 -23.94
N ASN B 167 -1.14 -6.75 -22.66
CA ASN B 167 -1.78 -7.97 -22.14
C ASN B 167 -3.24 -7.95 -22.56
N PRO B 168 -3.78 -9.04 -23.13
CA PRO B 168 -3.22 -10.40 -23.22
C PRO B 168 -2.60 -10.80 -24.57
N ILE B 169 -2.76 -9.96 -25.59
CA ILE B 169 -2.39 -10.38 -26.95
C ILE B 169 -0.88 -10.45 -27.11
N GLY B 170 -0.13 -9.67 -26.33
CA GLY B 170 1.31 -9.70 -26.44
C GLY B 170 1.92 -8.76 -27.45
N ARG B 171 1.23 -7.70 -27.84
CA ARG B 171 1.76 -6.75 -28.81
C ARG B 171 2.77 -5.81 -28.16
N VAL B 172 3.94 -5.68 -28.79
CA VAL B 172 4.92 -4.65 -28.44
C VAL B 172 4.89 -3.64 -29.57
N TRP B 173 4.22 -2.52 -29.34
CA TRP B 173 3.97 -1.55 -30.39
C TRP B 173 5.26 -0.98 -30.97
N THR B 174 5.28 -0.79 -32.29
CA THR B 174 6.41 -0.14 -32.94
C THR B 174 6.44 1.35 -32.63
N LYS B 175 7.55 1.96 -33.00
CA LYS B 175 7.65 3.41 -32.95
C LYS B 175 6.69 4.06 -33.93
N GLU B 176 6.47 3.44 -35.10
CA GLU B 176 5.55 4.05 -36.05
C GLU B 176 4.11 3.99 -35.53
N GLU B 177 3.72 2.89 -34.90
CA GLU B 177 2.39 2.80 -34.32
C GLU B 177 2.19 3.85 -33.25
N LEU B 178 3.14 3.96 -32.33
CA LEU B 178 2.99 4.92 -31.25
C LEU B 178 2.99 6.35 -31.77
N ILE B 179 3.84 6.65 -32.78
CA ILE B 179 3.86 7.99 -33.36
C ILE B 179 2.49 8.34 -33.94
N LYS B 180 1.92 7.44 -34.74
CA LYS B 180 0.66 7.76 -35.40
C LYS B 180 -0.51 7.77 -34.42
N LEU B 181 -0.43 7.00 -33.37
CA LEU B 181 -1.29 7.21 -32.20
C LEU B 181 -0.86 8.44 -31.39
N GLY B 182 0.44 8.64 -31.21
CA GLY B 182 0.88 9.88 -30.61
C GLY B 182 0.43 11.11 -31.39
N SER B 183 0.40 10.99 -32.74
CA SER B 183 -0.07 12.07 -33.59
C SER B 183 -1.54 12.39 -33.36
N LEU B 184 -2.33 11.39 -32.98
CA LEU B 184 -3.73 11.62 -32.67
C LEU B 184 -3.91 12.14 -31.24
N CYS B 185 -3.03 11.76 -30.31
CA CYS B 185 -3.16 12.28 -28.95
C CYS B 185 -2.76 13.74 -28.86
N THR B 186 -1.71 14.12 -29.57
CA THR B 186 -1.38 15.53 -29.68
C THR B 186 -2.48 16.30 -30.39
N LYS B 187 -2.98 15.76 -31.49
CA LYS B 187 -3.97 16.46 -32.30
C LYS B 187 -5.30 16.66 -31.56
N TYR B 188 -5.70 15.72 -30.70
CA TYR B 188 -6.95 15.86 -29.95
C TYR B 188 -6.71 16.15 -28.48
N ASN B 189 -5.46 16.28 -28.09
CA ASN B 189 -5.06 16.49 -26.71
C ASN B 189 -5.70 15.48 -25.76
N VAL B 190 -5.37 14.26 -26.00
CA VAL B 190 -5.75 13.18 -25.12
C VAL B 190 -4.60 12.94 -24.15
N ILE B 191 -4.92 12.79 -22.88
CA ILE B 191 -3.92 12.46 -21.88
C ILE B 191 -3.70 10.96 -21.95
N VAL B 192 -2.46 10.51 -21.82
CA VAL B 192 -2.12 9.09 -21.98
C VAL B 192 -1.51 8.59 -20.69
N VAL B 193 -2.07 7.50 -20.17
CA VAL B 193 -1.48 6.72 -19.09
C VAL B 193 -0.89 5.47 -19.73
N ALA B 194 0.44 5.32 -19.62
CA ALA B 194 1.13 4.22 -20.28
C ALA B 194 1.45 3.16 -19.25
N ASP B 195 0.67 2.09 -19.26
CA ASP B 195 0.94 0.96 -18.39
C ASP B 195 1.93 0.06 -19.12
N GLU B 196 3.21 0.30 -18.85
CA GLU B 196 4.30 -0.44 -19.44
C GLU B 196 4.90 -1.39 -18.41
N ILE B 197 4.02 -2.08 -17.67
CA ILE B 197 4.47 -2.95 -16.58
C ILE B 197 5.22 -4.17 -17.11
N HIS B 198 5.00 -4.56 -18.36
CA HIS B 198 5.72 -5.67 -18.95
C HIS B 198 6.92 -5.21 -19.76
N SER B 199 7.39 -3.98 -19.54
CA SER B 199 8.39 -3.37 -20.42
C SER B 199 9.70 -4.14 -20.47
N ASP B 200 9.90 -5.09 -19.55
CA ASP B 200 11.20 -5.73 -19.40
C ASP B 200 11.26 -7.15 -19.92
N ILE B 201 10.12 -7.70 -20.37
CA ILE B 201 10.13 -9.02 -21.00
C ILE B 201 9.86 -8.81 -22.48
N ILE B 202 10.92 -8.62 -23.26
CA ILE B 202 10.83 -8.33 -24.68
C ILE B 202 11.65 -9.37 -25.43
N TYR B 203 11.13 -9.81 -26.58
CA TYR B 203 11.75 -10.92 -27.29
C TYR B 203 12.84 -10.42 -28.25
N ALA B 204 13.53 -11.37 -28.88
CA ALA B 204 14.75 -11.06 -29.64
C ALA B 204 14.47 -10.12 -30.81
N ASP B 205 13.33 -10.26 -31.47
CA ASP B 205 12.99 -9.48 -32.65
C ASP B 205 12.22 -8.19 -32.34
N HIS B 206 12.15 -7.75 -31.08
CA HIS B 206 11.33 -6.59 -30.75
C HIS B 206 12.04 -5.73 -29.71
N THR B 207 11.60 -4.48 -29.62
CA THR B 207 12.20 -3.50 -28.71
C THR B 207 11.08 -2.63 -28.15
N HIS B 208 11.04 -2.52 -26.83
CA HIS B 208 10.03 -1.67 -26.21
C HIS B 208 10.35 -0.20 -26.43
N THR B 209 9.34 0.54 -26.84
CA THR B 209 9.46 1.97 -27.12
C THR B 209 8.61 2.76 -26.15
N PRO B 210 9.19 3.32 -25.09
CA PRO B 210 8.42 4.18 -24.19
C PRO B 210 7.74 5.29 -24.99
N PHE B 211 6.45 5.50 -24.70
CA PHE B 211 5.65 6.48 -25.41
C PHE B 211 6.18 7.90 -25.23
N ALA B 212 6.62 8.23 -24.02
CA ALA B 212 7.14 9.56 -23.76
C ALA B 212 8.54 9.76 -24.28
N SER B 213 9.23 8.68 -24.67
CA SER B 213 10.56 8.77 -25.27
C SER B 213 10.51 9.44 -26.64
N LEU B 214 9.37 9.32 -27.34
CA LEU B 214 9.29 9.79 -28.71
C LEU B 214 9.45 11.30 -28.82
N SER B 215 8.89 12.06 -27.87
CA SER B 215 8.79 13.50 -28.09
C SER B 215 8.81 14.26 -26.77
N GLU B 216 9.23 15.53 -26.87
CA GLU B 216 9.12 16.47 -25.76
C GLU B 216 7.67 16.82 -25.44
N GLU B 217 6.80 16.80 -26.46
CA GLU B 217 5.41 17.15 -26.30
C GLU B 217 4.55 15.98 -25.82
N LEU B 218 4.83 14.76 -26.31
CA LEU B 218 4.12 13.60 -25.80
C LEU B 218 4.59 13.26 -24.40
N ALA B 219 5.80 13.68 -24.04
CA ALA B 219 6.27 13.53 -22.67
C ALA B 219 5.40 14.34 -21.71
N GLU B 220 5.04 15.55 -22.08
CA GLU B 220 4.24 16.46 -21.26
C GLU B 220 2.76 16.06 -21.19
N ARG B 221 2.37 14.94 -21.80
CA ARG B 221 0.99 14.51 -21.72
C ARG B 221 0.87 13.04 -21.33
N THR B 222 1.97 12.35 -21.02
CA THR B 222 1.95 10.92 -20.76
C THR B 222 2.38 10.62 -19.33
N ILE B 223 1.66 9.70 -18.67
CA ILE B 223 2.01 9.20 -17.35
C ILE B 223 2.36 7.73 -17.49
N THR B 224 3.64 7.40 -17.29
CA THR B 224 4.20 6.09 -17.57
C THR B 224 4.36 5.34 -16.26
N CYS B 225 3.75 4.16 -16.16
CA CYS B 225 3.76 3.34 -14.96
C CYS B 225 4.56 2.08 -15.23
N MET B 226 5.60 1.88 -14.43
CA MET B 226 6.50 0.76 -14.58
C MET B 226 6.71 0.14 -13.22
N ALA B 227 7.24 -1.08 -13.23
CA ALA B 227 7.51 -1.80 -12.00
C ALA B 227 8.35 -3.02 -12.31
N PRO B 228 9.18 -3.47 -11.36
CA PRO B 228 9.82 -4.78 -11.48
C PRO B 228 8.95 -5.92 -10.97
N SER B 229 7.72 -5.63 -10.53
CA SER B 229 6.92 -6.64 -9.85
C SER B 229 6.62 -7.82 -10.77
N THR B 231 8.18 -8.42 -13.85
CA THR B 231 9.40 -8.88 -14.52
C THR B 231 10.19 -9.84 -13.65
N PHE B 232 10.37 -9.51 -12.39
CA PHE B 232 11.23 -10.29 -11.51
C PHE B 232 10.42 -11.14 -10.54
N ASN B 233 9.10 -11.16 -10.68
CA ASN B 233 8.20 -11.97 -9.86
C ASN B 233 8.27 -11.56 -8.39
N ILE B 234 8.15 -10.26 -8.15
CA ILE B 234 8.11 -9.71 -6.80
C ILE B 234 6.85 -8.88 -6.66
N ALA B 235 5.76 -9.35 -7.28
CA ALA B 235 4.50 -8.62 -7.22
C ALA B 235 3.89 -8.62 -5.81
N GLY B 236 4.36 -9.48 -4.91
CA GLY B 236 3.97 -9.37 -3.52
C GLY B 236 4.76 -8.36 -2.72
N LEU B 237 5.76 -7.73 -3.34
CA LEU B 237 6.53 -6.70 -2.64
C LEU B 237 6.02 -5.30 -2.90
N GLN B 238 5.13 -5.12 -3.87
CA GLN B 238 4.40 -3.86 -4.07
C GLN B 238 5.34 -2.67 -4.30
N ALA B 239 6.16 -2.76 -5.36
CA ALA B 239 7.00 -1.65 -5.82
C ALA B 239 6.52 -1.16 -7.18
N SER B 240 6.37 0.16 -7.32
CA SER B 240 6.00 0.70 -8.61
C SER B 240 6.60 2.09 -8.75
N ILE B 241 6.99 2.47 -9.95
CA ILE B 241 7.56 3.81 -10.27
C ILE B 241 6.66 4.39 -11.33
N ILE B 242 6.13 5.57 -11.14
CA ILE B 242 5.35 6.32 -12.13
C ILE B 242 6.18 7.54 -12.52
N ILE B 243 6.37 7.73 -13.82
CA ILE B 243 7.20 8.80 -14.35
C ILE B 243 6.28 9.82 -15.03
N ILE B 244 6.32 11.04 -14.56
CA ILE B 244 5.41 12.09 -15.08
C ILE B 244 6.30 13.30 -15.44
N PRO B 245 6.78 13.54 -16.69
CA PRO B 245 7.60 14.72 -17.01
C PRO B 245 6.90 16.05 -16.77
N ASN B 246 5.59 16.15 -17.00
CA ASN B 246 4.87 17.41 -16.79
C ASN B 246 4.73 17.66 -15.29
N GLU B 247 5.34 18.76 -14.85
CA GLU B 247 5.30 19.11 -13.43
C GLU B 247 3.85 19.37 -12.97
N LYS B 248 3.05 20.01 -13.82
CA LYS B 248 1.68 20.39 -13.47
C LYS B 248 0.77 19.18 -13.31
N LEU B 249 0.95 18.14 -14.13
CA LEU B 249 0.21 16.90 -13.94
C LEU B 249 0.78 16.09 -12.78
N ARG B 250 2.09 16.10 -12.54
CA ARG B 250 2.71 15.28 -11.46
C ARG B 250 2.17 15.71 -10.10
N HIS B 251 1.95 16.99 -9.92
CA HIS B 251 1.44 17.46 -8.63
C HIS B 251 -0.01 17.06 -8.41
N ALA B 252 -0.82 17.02 -9.47
CA ALA B 252 -2.20 16.60 -9.30
C ALA B 252 -2.30 15.09 -9.06
N PHE B 253 -1.36 14.32 -9.59
CA PHE B 253 -1.27 12.90 -9.25
C PHE B 253 -0.89 12.73 -7.80
N THR B 254 0.13 13.45 -7.35
CA THR B 254 0.61 13.30 -5.98
C THR B 254 -0.41 13.82 -4.96
N ALA B 255 -1.24 14.80 -5.35
CA ALA B 255 -2.31 15.24 -4.46
C ALA B 255 -3.34 14.13 -4.26
N ILE B 256 -3.62 13.35 -5.31
CA ILE B 256 -4.62 12.26 -5.28
C ILE B 256 -4.00 11.07 -4.58
N GLN B 257 -2.70 10.97 -4.47
CA GLN B 257 -2.05 9.93 -3.65
C GLN B 257 -1.95 10.40 -2.18
N TYR B 258 -1.83 11.69 -1.86
CA TYR B 258 -1.60 12.20 -0.48
C TYR B 258 -2.88 12.26 0.36
N ARG B 259 -4.00 12.58 -0.28
CA ARG B 259 -5.30 12.64 0.41
C ARG B 259 -5.97 11.27 0.55
N GLN B 260 -5.22 10.19 0.39
CA GLN B 260 -5.65 8.77 0.45
C GLN B 260 -4.65 8.21 1.44
N GLY B 261 -3.79 9.08 1.97
CA GLY B 261 -2.94 8.63 3.06
C GLY B 261 -1.73 7.82 2.67
N PHE B 262 -1.41 7.75 1.38
CA PHE B 262 -0.24 7.02 0.90
C PHE B 262 1.00 7.85 1.17
N HIS B 263 2.02 7.23 1.77
CA HIS B 263 3.22 7.94 2.18
C HIS B 263 4.48 7.23 1.74
N GLY B 264 4.42 6.43 0.69
CA GLY B 264 5.57 5.69 0.23
C GLY B 264 5.42 4.20 0.46
N LEU B 265 6.47 3.48 0.11
CA LEU B 265 6.44 2.03 0.04
C LEU B 265 7.04 1.41 1.29
N ASN B 266 6.84 0.10 1.41
CA ASN B 266 7.32 -0.63 2.55
C ASN B 266 8.78 -1.05 2.37
N ILE B 267 9.40 -1.48 3.48
CA ILE B 267 10.84 -1.75 3.55
C ILE B 267 11.29 -2.69 2.43
N PHE B 268 10.51 -3.73 2.14
CA PHE B 268 10.94 -4.73 1.17
C PHE B 268 10.71 -4.30 -0.27
N ALA B 269 9.74 -3.41 -0.50
CA ALA B 269 9.59 -2.79 -1.81
C ALA B 269 10.79 -1.93 -2.17
N TYR B 270 11.27 -1.11 -1.23
CA TYR B 270 12.45 -0.31 -1.50
C TYR B 270 13.66 -1.21 -1.73
N THR B 271 13.83 -2.23 -0.89
CA THR B 271 15.04 -3.04 -0.98
C THR B 271 15.07 -3.86 -2.28
N ALA B 272 13.94 -4.44 -2.67
CA ALA B 272 13.91 -5.29 -3.86
C ALA B 272 14.07 -4.47 -5.14
N MET B 273 13.33 -3.37 -5.25
CA MET B 273 13.41 -2.56 -6.45
C MET B 273 14.84 -2.04 -6.67
N GLN B 274 15.56 -1.70 -5.58
CA GLN B 274 16.94 -1.24 -5.72
C GLN B 274 17.86 -2.34 -6.25
N SER B 275 17.71 -3.57 -5.77
CA SER B 275 18.56 -4.66 -6.26
C SER B 275 18.14 -5.10 -7.66
N ALA B 276 16.82 -5.22 -7.91
CA ALA B 276 16.30 -5.64 -9.21
C ALA B 276 16.79 -4.73 -10.32
N TYR B 277 16.96 -3.46 -10.01
CA TYR B 277 17.33 -2.47 -11.01
C TYR B 277 18.84 -2.22 -11.06
N THR B 278 19.63 -2.99 -10.32
CA THR B 278 21.07 -2.76 -10.33
C THR B 278 21.85 -4.02 -10.66
N GLU B 279 21.51 -5.13 -10.00
CA GLU B 279 22.38 -6.29 -9.98
C GLU B 279 21.78 -7.52 -10.64
N CYS B 280 20.67 -7.35 -11.36
CA CYS B 280 19.94 -8.51 -11.85
C CYS B 280 19.91 -8.59 -13.37
N ASN B 281 20.86 -7.91 -14.04
CA ASN B 281 20.84 -7.77 -15.50
C ASN B 281 21.00 -9.11 -16.23
N ASP B 282 21.87 -9.98 -15.73
CA ASP B 282 22.12 -11.24 -16.44
C ASP B 282 20.99 -12.24 -16.28
N TRP B 283 20.33 -12.27 -15.11
CA TRP B 283 19.16 -13.13 -14.94
C TRP B 283 18.04 -12.73 -15.89
N LEU B 284 17.91 -11.44 -16.17
CA LEU B 284 16.84 -11.00 -17.06
C LEU B 284 17.14 -11.35 -18.51
N ASN B 285 18.42 -11.43 -18.88
CA ASN B 285 18.78 -11.91 -20.21
C ASN B 285 18.39 -13.37 -20.38
N LYS B 286 18.66 -14.19 -19.37
CA LYS B 286 18.25 -15.58 -19.39
C LYS B 286 16.73 -15.71 -19.55
N ILE B 287 15.96 -15.08 -18.67
CA ILE B 287 14.51 -15.31 -18.63
C ILE B 287 13.86 -14.94 -19.96
N ARG B 288 14.47 -14.04 -20.72
CA ARG B 288 13.90 -13.65 -22.01
C ARG B 288 13.96 -14.79 -23.02
N LEU B 289 15.06 -15.52 -23.03
CA LEU B 289 15.23 -16.62 -23.98
C LEU B 289 14.48 -17.87 -23.54
N TYR B 290 14.30 -18.06 -22.24
CA TYR B 290 13.49 -19.17 -21.77
C TYR B 290 12.03 -18.91 -22.07
N ILE B 291 11.55 -17.69 -21.81
CA ILE B 291 10.14 -17.37 -22.07
C ILE B 291 9.85 -17.43 -23.56
N GLU B 292 10.73 -16.84 -24.38
CA GLU B 292 10.51 -16.78 -25.83
C GLU B 292 10.49 -18.17 -26.43
N ASP B 293 11.31 -19.07 -25.91
CA ASP B 293 11.29 -20.46 -26.38
C ASP B 293 10.05 -21.19 -25.89
N ASN B 294 9.52 -20.81 -24.72
CA ASN B 294 8.25 -21.37 -24.24
C ASN B 294 7.09 -20.95 -25.12
N ALA B 295 7.13 -19.73 -25.64
CA ALA B 295 6.15 -19.30 -26.62
C ALA B 295 6.34 -20.02 -27.95
N LYS B 296 7.58 -20.26 -28.36
CA LYS B 296 7.84 -20.97 -29.61
C LYS B 296 7.43 -22.44 -29.51
N PHE B 297 7.81 -23.10 -28.43
CA PHE B 297 7.39 -24.48 -28.20
C PHE B 297 5.86 -24.60 -28.19
N ALA B 298 5.17 -23.67 -27.53
CA ALA B 298 3.72 -23.78 -27.42
C ALA B 298 3.03 -23.52 -28.75
N CYS B 299 3.55 -22.60 -29.56
CA CYS B 299 2.90 -22.26 -30.82
C CYS B 299 2.96 -23.40 -31.84
N GLU B 300 3.99 -24.25 -31.75
CA GLU B 300 4.10 -25.42 -32.62
C GLU B 300 3.27 -26.58 -32.12
N TYR B 301 3.26 -26.83 -30.80
CA TYR B 301 2.41 -27.88 -30.25
C TYR B 301 0.95 -27.66 -30.63
N MET B 302 0.53 -26.40 -30.78
CA MET B 302 -0.83 -26.14 -31.24
C MET B 302 -0.96 -26.39 -32.74
N LYS B 303 0.11 -26.20 -33.50
CA LYS B 303 0.13 -26.62 -34.90
C LYS B 303 -0.05 -28.13 -35.01
N ASP B 304 0.79 -28.89 -34.29
CA ASP B 304 0.83 -30.34 -34.43
C ASP B 304 -0.35 -31.01 -33.75
N HIS B 305 -0.62 -30.67 -32.49
CA HIS B 305 -1.54 -31.47 -31.69
C HIS B 305 -2.87 -30.81 -31.37
N ILE B 306 -3.05 -29.52 -31.64
CA ILE B 306 -4.37 -28.93 -31.43
C ILE B 306 -4.73 -28.03 -32.61
N PRO B 307 -4.90 -28.54 -33.82
CA PRO B 307 -5.14 -27.66 -34.98
C PRO B 307 -6.48 -26.92 -34.91
N THR B 308 -7.31 -27.21 -33.91
CA THR B 308 -8.57 -26.51 -33.73
C THR B 308 -8.43 -25.23 -32.89
N LEU B 309 -7.24 -24.89 -32.45
CA LEU B 309 -7.03 -23.65 -31.72
C LEU B 309 -6.11 -22.72 -32.53
N SER B 310 -6.35 -21.42 -32.40
CA SER B 310 -5.49 -20.40 -32.98
C SER B 310 -4.88 -19.59 -31.86
N VAL B 311 -3.55 -19.61 -31.77
CA VAL B 311 -2.77 -18.88 -30.74
C VAL B 311 -2.19 -17.60 -31.35
N THR B 312 -2.46 -16.44 -30.78
CA THR B 312 -1.83 -15.21 -31.25
C THR B 312 -0.41 -15.21 -30.70
N LYS B 313 0.57 -15.08 -31.59
CA LYS B 313 1.95 -15.15 -31.15
C LYS B 313 2.29 -13.90 -30.36
N PRO B 314 2.84 -14.05 -29.16
CA PRO B 314 3.29 -12.88 -28.40
C PRO B 314 4.63 -12.38 -28.90
N GLU B 315 4.89 -11.11 -28.61
CA GLU B 315 6.17 -10.48 -28.87
C GLU B 315 6.80 -9.96 -27.59
N GLY B 316 6.05 -10.18 -26.52
CA GLY B 316 6.48 -9.74 -25.20
C GLY B 316 5.75 -10.49 -24.12
N PHE B 318 4.78 -13.04 -20.87
CA PHE B 318 4.83 -14.49 -20.65
C PHE B 318 3.40 -15.04 -20.62
N LEU B 319 2.50 -14.42 -21.40
CA LEU B 319 1.12 -14.84 -21.43
C LEU B 319 0.75 -15.25 -22.85
N LEU B 320 -0.10 -16.27 -22.99
CA LEU B 320 -0.45 -16.81 -24.30
C LEU B 320 -1.94 -16.69 -24.54
N TRP B 321 -2.31 -16.11 -25.68
CA TRP B 321 -3.68 -15.75 -26.02
C TRP B 321 -4.15 -16.64 -27.16
N ILE B 322 -5.13 -17.51 -26.87
CA ILE B 322 -5.48 -18.61 -27.77
C ILE B 322 -6.94 -18.48 -28.16
N ASP B 323 -7.22 -18.64 -29.45
CA ASP B 323 -8.58 -18.60 -29.96
C ASP B 323 -9.17 -20.00 -29.92
N CYS B 324 -10.34 -20.07 -29.30
CA CYS B 324 -11.05 -21.35 -29.13
C CYS B 324 -12.41 -21.19 -29.83
N SER B 325 -12.52 -20.34 -30.87
CA SER B 325 -13.79 -19.99 -31.51
C SER B 325 -14.28 -21.13 -32.41
N ALA B 326 -13.37 -21.85 -33.07
CA ALA B 326 -13.77 -22.95 -33.93
C ALA B 326 -14.44 -24.10 -33.17
N LEU B 327 -14.27 -24.16 -31.85
CA LEU B 327 -14.84 -25.21 -31.01
C LEU B 327 -16.35 -25.04 -30.79
N ASN B 328 -16.88 -23.83 -30.95
CA ASN B 328 -18.30 -23.54 -30.72
C ASN B 328 -18.70 -24.02 -29.34
N LEU B 329 -18.02 -23.48 -28.35
CA LEU B 329 -18.22 -23.83 -26.95
C LEU B 329 -18.57 -22.57 -26.18
N SER B 330 -19.46 -22.71 -25.21
CA SER B 330 -19.72 -21.62 -24.29
C SER B 330 -18.56 -21.48 -23.30
N GLN B 331 -18.53 -20.34 -22.56
CA GLN B 331 -17.55 -20.17 -21.46
C GLN B 331 -17.89 -21.18 -20.37
N ASP B 332 -19.18 -21.41 -20.11
CA ASP B 332 -19.51 -22.44 -19.14
C ASP B 332 -19.14 -23.81 -19.65
N GLU B 333 -19.36 -24.05 -20.96
CA GLU B 333 -18.92 -25.31 -21.55
C GLU B 333 -17.40 -25.47 -21.47
N ARG B 334 -16.67 -24.42 -21.83
CA ARG B 334 -15.21 -24.47 -21.84
C ARG B 334 -14.64 -24.57 -20.43
N THR B 335 -15.13 -23.75 -19.50
CA THR B 335 -14.57 -23.74 -18.15
C THR B 335 -14.73 -25.09 -17.47
N LYS B 336 -15.92 -25.67 -17.55
CA LYS B 336 -16.19 -26.92 -16.83
C LYS B 336 -15.33 -27.99 -17.47
N LEU B 337 -15.27 -27.99 -18.78
CA LEU B 337 -14.50 -29.04 -19.45
C LEU B 337 -13.03 -28.99 -19.06
N LEU B 338 -12.45 -27.78 -19.07
CA LEU B 338 -11.03 -27.62 -18.77
C LEU B 338 -10.72 -28.06 -17.34
N GLU B 339 -11.65 -27.80 -16.41
CA GLU B 339 -11.44 -28.19 -15.02
C GLU B 339 -11.65 -29.70 -14.82
N GLU B 340 -12.67 -30.27 -15.46
CA GLU B 340 -13.04 -31.69 -15.26
C GLU B 340 -12.03 -32.66 -15.88
N LYS B 341 -11.82 -32.60 -17.18
CA LYS B 341 -10.91 -33.55 -17.82
C LYS B 341 -9.52 -32.95 -17.99
N GLY B 342 -9.43 -31.66 -18.26
CA GLY B 342 -8.14 -31.02 -18.36
C GLY B 342 -7.43 -30.92 -17.01
N LYS B 343 -8.19 -30.69 -15.94
CA LYS B 343 -7.61 -30.48 -14.60
C LYS B 343 -6.59 -29.34 -14.64
N ILE B 344 -7.00 -28.22 -15.23
CA ILE B 344 -6.14 -27.08 -15.44
C ILE B 344 -6.97 -25.82 -15.27
N ILE B 345 -6.37 -24.79 -14.67
CA ILE B 345 -7.05 -23.53 -14.42
C ILE B 345 -6.42 -22.44 -15.27
N VAL B 346 -7.21 -21.88 -16.18
CA VAL B 346 -6.76 -20.75 -16.99
C VAL B 346 -7.65 -19.54 -16.74
N GLU B 347 -7.31 -18.47 -17.36
CA GLU B 347 -8.14 -17.29 -17.28
C GLU B 347 -9.23 -17.38 -18.34
N PRO B 348 -10.49 -17.18 -17.99
CA PRO B 348 -11.50 -17.02 -19.04
C PRO B 348 -11.29 -15.68 -19.71
N GLY B 349 -11.37 -15.67 -21.03
CA GLY B 349 -11.10 -14.47 -21.79
C GLY B 349 -12.28 -13.55 -21.93
N GLU B 350 -13.50 -14.02 -21.69
CA GLU B 350 -14.65 -13.16 -21.94
C GLU B 350 -14.58 -11.88 -21.12
N LYS B 351 -13.93 -11.94 -19.95
CA LYS B 351 -13.76 -10.75 -19.13
C LYS B 351 -12.67 -9.79 -19.67
N TYR B 352 -12.08 -10.04 -20.84
CA TYR B 352 -11.16 -9.09 -21.46
C TYR B 352 -11.86 -8.15 -22.43
N GLY B 353 -13.15 -8.25 -22.56
CA GLY B 353 -13.90 -7.38 -23.44
C GLY B 353 -13.93 -7.81 -24.89
N LEU B 354 -14.44 -6.89 -25.71
CA LEU B 354 -14.66 -7.18 -27.13
C LEU B 354 -13.41 -7.72 -27.78
N GLY B 355 -13.52 -8.93 -28.33
CA GLY B 355 -12.37 -9.65 -28.84
C GLY B 355 -11.78 -10.68 -27.91
N GLY B 356 -12.30 -10.78 -26.69
CA GLY B 356 -11.91 -11.81 -25.77
C GLY B 356 -12.88 -12.96 -25.75
N GLU B 357 -14.02 -12.83 -26.42
CA GLU B 357 -15.02 -13.89 -26.46
C GLU B 357 -14.50 -15.20 -27.05
N GLU B 358 -14.80 -16.25 -26.33
CA GLU B 358 -14.42 -17.62 -26.72
C GLU B 358 -12.90 -17.77 -26.82
N HIS B 359 -12.13 -17.04 -26.04
CA HIS B 359 -10.69 -17.18 -25.94
C HIS B 359 -10.30 -17.63 -24.54
N ILE B 360 -9.05 -18.07 -24.40
CA ILE B 360 -8.43 -18.32 -23.10
C ILE B 360 -7.02 -17.76 -23.08
N ARG B 361 -6.53 -17.44 -21.87
CA ARG B 361 -5.18 -16.96 -21.66
C ARG B 361 -4.42 -17.87 -20.70
N ILE B 362 -3.23 -18.29 -21.09
CA ILE B 362 -2.43 -19.17 -20.27
C ILE B 362 -1.10 -18.50 -19.93
N ASN B 363 -0.52 -18.92 -18.81
CA ASN B 363 0.76 -18.41 -18.32
C ASN B 363 1.83 -19.36 -18.80
N ILE B 364 2.79 -18.84 -19.57
CA ILE B 364 3.93 -19.60 -20.04
C ILE B 364 5.21 -19.19 -19.29
N GLY B 365 5.05 -18.57 -18.13
CA GLY B 365 6.18 -18.29 -17.27
C GLY B 365 6.46 -19.45 -16.33
N CYS B 366 6.69 -20.62 -16.90
CA CYS B 366 6.81 -21.85 -16.13
C CYS B 366 7.93 -22.68 -16.74
N PRO B 367 8.48 -23.62 -15.99
CA PRO B 367 9.41 -24.59 -16.62
C PRO B 367 8.75 -25.32 -17.78
N ARG B 368 9.56 -25.63 -18.81
CA ARG B 368 9.07 -26.35 -19.98
C ARG B 368 8.39 -27.65 -19.58
N SER B 369 8.89 -28.32 -18.53
CA SER B 369 8.21 -29.48 -17.96
C SER B 369 6.77 -29.16 -17.62
N VAL B 370 6.56 -28.04 -16.92
CA VAL B 370 5.21 -27.59 -16.57
C VAL B 370 4.43 -27.26 -17.84
N LEU B 371 5.08 -26.57 -18.79
CA LEU B 371 4.39 -26.15 -20.01
C LEU B 371 3.88 -27.34 -20.80
N GLU B 372 4.59 -28.47 -20.77
CA GLU B 372 4.14 -29.63 -21.53
C GLU B 372 2.83 -30.19 -20.98
N GLU B 373 2.71 -30.25 -19.66
CA GLU B 373 1.46 -30.71 -19.05
C GLU B 373 0.34 -29.70 -19.25
N ILE B 374 0.69 -28.40 -19.31
CA ILE B 374 -0.30 -27.38 -19.61
C ILE B 374 -0.91 -27.62 -20.99
N LEU B 375 -0.09 -28.04 -21.95
CA LEU B 375 -0.57 -28.32 -23.30
C LEU B 375 -1.12 -29.75 -23.41
N ASN B 376 -0.50 -30.70 -22.72
CA ASN B 376 -1.01 -32.07 -22.71
C ASN B 376 -2.45 -32.12 -22.22
N ARG B 377 -2.77 -31.32 -21.20
CA ARG B 377 -4.14 -31.27 -20.69
C ARG B 377 -5.05 -30.42 -21.59
N LEU B 378 -4.49 -29.48 -22.35
CA LEU B 378 -5.31 -28.75 -23.32
C LEU B 378 -5.76 -29.66 -24.45
N ARG B 379 -4.85 -30.54 -24.91
CA ARG B 379 -5.18 -31.51 -25.93
C ARG B 379 -6.24 -32.49 -25.43
N HIS B 380 -5.96 -33.12 -24.28
CA HIS B 380 -6.94 -34.03 -23.70
C HIS B 380 -8.31 -33.36 -23.57
N THR B 381 -8.35 -32.10 -23.12
CA THR B 381 -9.63 -31.42 -22.91
C THR B 381 -10.44 -31.35 -24.21
N PHE B 382 -9.78 -31.04 -25.33
CA PHE B 382 -10.46 -30.78 -26.59
C PHE B 382 -10.29 -31.90 -27.60
N SER B 383 -9.76 -33.05 -27.20
CA SER B 383 -9.57 -34.16 -28.14
C SER B 383 -10.86 -34.96 -28.34
#